data_7Y0U
#
_entry.id   7Y0U
#
_cell.length_a   57.444
_cell.length_b   143.469
_cell.length_c   62.344
_cell.angle_alpha   90.000
_cell.angle_beta   98.290
_cell.angle_gamma   90.000
#
_symmetry.space_group_name_H-M   'P 1 21 1'
#
loop_
_entity.id
_entity.type
_entity.pdbx_description
1 polymer 'Bifunctional cytochrome P450/NADPH--P450 reductase'
2 polymer I7X-PHE-PHE
3 non-polymer 'PROTOPORPHYRIN IX CONTAINING FE'
4 non-polymer HYDROXYAMINE
5 water water
#
loop_
_entity_poly.entity_id
_entity_poly.type
_entity_poly.pdbx_seq_one_letter_code
_entity_poly.pdbx_strand_id
1 'polypeptide(L)'
;GMTIKEMPQPKTFGELKNLPLLNTDKPVQALMKIADELGEIFKFEAPGRVTRYLSSQRLIKEACDESRFDKNLSQALKFV
RDFAGDGLATSWTHEKNWKKAHNILLPSFSQQAMKGYHAMMVDIAVQLVQKWERLNADEHIEVPEDMTRLTLDTIGLCGF
NYRFNSFYRDQPHPFITSMVRALDEAMNKLQRANPDDPAYDENKRQFQEDIKVMNDLVDKIIADRKASGEQSDDLLTHML
NGKDPETGEPLDDENIRYQIITFLIAGHETTSGLLSFALYFLVKNPHVLQKAAEEAARVLVDPVPSYKQVKQLKYVGMVL
NEALRLWPTAPAFSLYAKEDTVLGGEYPLEKGDELMVLIPQLHRDKTIWGDDVEEFRPERFENPSAIPQHAFKPFGNGQR
ACIGQQFALHEATLVLGMMLKHFDFEDHTNYELDIKETLTLKPEGFVVKAKSKKIPLLEHHHHHH
;
A,B
2 'polypeptide(L)' (I7X)FF C,D
#
# COMPACT_ATOMS: atom_id res chain seq x y z
N LYS A 5 -16.38 30.27 4.91
CA LYS A 5 -16.74 29.99 6.30
C LYS A 5 -18.17 29.47 6.40
N GLU A 6 -19.12 30.32 6.00
CA GLU A 6 -20.54 29.95 5.99
C GLU A 6 -20.83 28.95 4.88
N MET A 7 -21.23 27.75 5.26
CA MET A 7 -21.35 26.66 4.29
C MET A 7 -22.68 26.77 3.54
N PRO A 8 -22.67 26.73 2.21
CA PRO A 8 -23.93 26.77 1.45
C PRO A 8 -24.80 25.58 1.78
N GLN A 9 -26.11 25.77 1.65
CA GLN A 9 -27.07 24.72 1.88
C GLN A 9 -28.12 24.79 0.79
N PRO A 10 -28.51 23.66 0.20
CA PRO A 10 -29.53 23.70 -0.86
C PRO A 10 -30.89 24.02 -0.29
N LYS A 11 -31.89 24.16 -1.16
CA LYS A 11 -33.21 24.59 -0.73
C LYS A 11 -33.79 23.64 0.30
N THR A 12 -34.46 24.20 1.30
CA THR A 12 -35.04 23.43 2.38
C THR A 12 -36.55 23.36 2.24
N PHE A 13 -37.15 22.44 2.98
CA PHE A 13 -38.59 22.16 2.92
C PHE A 13 -39.15 22.20 4.34
N GLY A 14 -38.98 23.33 5.00
CA GLY A 14 -39.46 23.46 6.36
C GLY A 14 -38.81 22.44 7.27
N GLU A 15 -39.64 21.74 8.06
CA GLU A 15 -39.13 20.80 9.05
C GLU A 15 -38.41 19.61 8.41
N LEU A 16 -38.70 19.30 7.14
CA LEU A 16 -37.99 18.22 6.47
C LEU A 16 -36.60 18.63 6.01
N LYS A 17 -36.27 19.92 6.09
CA LYS A 17 -34.95 20.46 5.72
C LYS A 17 -34.66 20.05 4.28
N ASN A 18 -33.52 19.44 3.97
CA ASN A 18 -33.18 19.08 2.60
C ASN A 18 -33.65 17.69 2.21
N LEU A 19 -34.19 16.91 3.14
CA LEU A 19 -34.55 15.52 2.86
C LEU A 19 -35.38 15.33 1.59
N PRO A 20 -36.41 16.13 1.31
CA PRO A 20 -37.17 15.91 0.05
C PRO A 20 -36.34 16.05 -1.20
N LEU A 21 -35.15 16.67 -1.14
CA LEU A 21 -34.28 16.70 -2.29
C LEU A 21 -33.84 15.30 -2.70
N LEU A 22 -33.77 14.38 -1.75
CA LEU A 22 -33.46 12.99 -2.06
C LEU A 22 -34.70 12.18 -2.41
N ASN A 23 -35.90 12.73 -2.21
CA ASN A 23 -37.13 12.07 -2.64
C ASN A 23 -37.26 12.25 -4.16
N THR A 24 -36.33 11.62 -4.87
CA THR A 24 -36.24 11.73 -6.32
C THR A 24 -35.65 10.44 -6.86
N ASP A 25 -35.91 10.16 -8.13
CA ASP A 25 -35.48 8.89 -8.70
C ASP A 25 -33.99 8.88 -9.01
N LYS A 26 -33.35 10.04 -9.10
CA LYS A 26 -31.92 10.14 -9.40
C LYS A 26 -31.26 11.04 -8.35
N PRO A 27 -31.16 10.56 -7.10
CA PRO A 27 -30.65 11.44 -6.04
C PRO A 27 -29.18 11.83 -6.21
N VAL A 28 -28.33 10.92 -6.68
CA VAL A 28 -26.93 11.28 -6.92
C VAL A 28 -26.85 12.40 -7.93
N GLN A 29 -27.51 12.23 -9.07
CA GLN A 29 -27.49 13.26 -10.10
C GLN A 29 -28.14 14.54 -9.60
N ALA A 30 -29.18 14.42 -8.76
CA ALA A 30 -29.71 15.59 -8.08
C ALA A 30 -28.65 16.24 -7.20
N LEU A 31 -27.90 15.42 -6.46
CA LEU A 31 -26.85 15.98 -5.62
C LEU A 31 -25.75 16.60 -6.45
N MET A 32 -25.45 16.01 -7.62
CA MET A 32 -24.45 16.60 -8.49
C MET A 32 -24.90 17.96 -9.01
N LYS A 33 -26.15 18.09 -9.42
CA LYS A 33 -26.68 19.38 -9.82
C LYS A 33 -26.61 20.38 -8.67
N ILE A 34 -26.93 19.93 -7.46
CA ILE A 34 -26.80 20.80 -6.30
C ILE A 34 -25.34 21.22 -6.13
N ALA A 35 -24.42 20.27 -6.23
CA ALA A 35 -23.01 20.60 -6.18
C ALA A 35 -22.61 21.55 -7.31
N ASP A 36 -23.24 21.39 -8.49
CA ASP A 36 -22.98 22.33 -9.57
C ASP A 36 -23.34 23.75 -9.16
N GLU A 37 -24.46 23.91 -8.45
CA GLU A 37 -24.92 25.24 -8.05
C GLU A 37 -24.13 25.77 -6.86
N LEU A 38 -23.92 24.94 -5.84
CA LEU A 38 -23.36 25.41 -4.59
C LEU A 38 -21.86 25.24 -4.48
N GLY A 39 -21.25 24.38 -5.30
CA GLY A 39 -19.81 24.27 -5.28
C GLY A 39 -19.25 23.10 -4.49
N GLU A 40 -18.03 23.26 -3.99
CA GLU A 40 -17.26 22.14 -3.45
C GLU A 40 -17.85 21.56 -2.18
N ILE A 41 -18.73 22.27 -1.49
CA ILE A 41 -19.26 21.77 -0.22
C ILE A 41 -20.62 22.40 0.02
N PHE A 42 -21.57 21.57 0.45
CA PHE A 42 -22.84 22.10 0.93
C PHE A 42 -23.36 21.26 2.08
N LYS A 43 -23.94 21.94 3.06
CA LYS A 43 -24.58 21.26 4.16
C LYS A 43 -25.87 20.62 3.66
N PHE A 44 -26.11 19.39 4.09
CA PHE A 44 -27.35 18.70 3.78
C PHE A 44 -27.98 18.29 5.09
N GLU A 45 -29.15 18.86 5.40
CA GLU A 45 -29.87 18.55 6.62
C GLU A 45 -31.13 17.77 6.31
N ALA A 46 -31.39 16.77 7.15
CA ALA A 46 -32.61 15.98 7.16
C ALA A 46 -33.04 15.86 8.61
N PRO A 47 -34.29 15.46 8.87
CA PRO A 47 -34.71 15.23 10.26
C PRO A 47 -33.74 14.32 11.01
N GLY A 48 -33.12 14.85 12.05
CA GLY A 48 -32.22 14.06 12.87
C GLY A 48 -30.86 13.79 12.24
N ARG A 49 -30.48 14.49 11.18
CA ARG A 49 -29.20 14.23 10.56
C ARG A 49 -28.69 15.47 9.83
N VAL A 50 -27.40 15.71 9.94
CA VAL A 50 -26.70 16.74 9.19
C VAL A 50 -25.48 16.09 8.54
N THR A 51 -25.25 16.38 7.27
CA THR A 51 -24.04 15.96 6.60
C THR A 51 -23.62 17.04 5.63
N ARG A 52 -22.41 16.89 5.08
CA ARG A 52 -21.82 17.87 4.19
C ARG A 52 -21.31 17.14 2.96
N TYR A 53 -21.78 17.54 1.79
CA TYR A 53 -21.40 16.91 0.54
C TYR A 53 -20.19 17.61 -0.04
N LEU A 54 -19.08 16.90 -0.15
CA LEU A 54 -17.85 17.42 -0.70
C LEU A 54 -17.73 17.02 -2.17
N SER A 55 -17.29 17.96 -3.00
CA SER A 55 -17.22 17.75 -4.44
C SER A 55 -15.89 18.15 -5.05
N SER A 56 -15.00 18.78 -4.31
CA SER A 56 -13.70 19.19 -4.83
C SER A 56 -12.62 18.30 -4.26
N GLN A 57 -11.60 18.05 -5.07
CA GLN A 57 -10.43 17.34 -4.56
C GLN A 57 -9.77 18.11 -3.43
N ARG A 58 -9.87 19.45 -3.47
CA ARG A 58 -9.26 20.28 -2.43
C ARG A 58 -9.76 19.88 -1.05
N LEU A 59 -11.08 19.74 -0.89
CA LEU A 59 -11.64 19.33 0.39
C LEU A 59 -11.58 17.83 0.59
N ILE A 60 -11.76 17.05 -0.47
CA ILE A 60 -11.83 15.61 -0.33
C ILE A 60 -10.46 15.03 0.00
N LYS A 61 -9.38 15.67 -0.46
CA LYS A 61 -8.06 15.19 -0.07
C LYS A 61 -7.86 15.30 1.43
N GLU A 62 -8.47 16.31 2.07
CA GLU A 62 -8.46 16.37 3.52
C GLU A 62 -9.42 15.33 4.11
N ALA A 63 -10.63 15.23 3.54
CA ALA A 63 -11.58 14.23 4.02
C ALA A 63 -10.98 12.83 3.95
N CYS A 64 -10.10 12.58 2.99
CA CYS A 64 -9.45 11.29 2.85
C CYS A 64 -8.26 11.11 3.77
N ASP A 65 -7.97 12.09 4.61
CA ASP A 65 -6.95 11.94 5.65
C ASP A 65 -7.53 11.04 6.73
N GLU A 66 -7.05 9.79 6.78
CA GLU A 66 -7.61 8.82 7.70
C GLU A 66 -7.28 9.11 9.15
N SER A 67 -6.32 9.99 9.42
CA SER A 67 -6.08 10.43 10.78
C SER A 67 -7.13 11.42 11.24
N ARG A 68 -7.83 12.06 10.30
CA ARG A 68 -8.87 13.02 10.63
C ARG A 68 -10.27 12.50 10.40
N PHE A 69 -10.47 11.63 9.42
CA PHE A 69 -11.79 11.12 9.08
C PHE A 69 -11.73 9.62 8.91
N ASP A 70 -12.77 8.96 9.41
CA ASP A 70 -12.95 7.53 9.28
C ASP A 70 -14.23 7.31 8.48
N LYS A 71 -14.33 6.13 7.88
CA LYS A 71 -15.54 5.80 7.14
C LYS A 71 -16.75 5.92 8.05
N ASN A 72 -17.76 6.63 7.59
CA ASN A 72 -19.05 6.68 8.23
C ASN A 72 -20.01 5.75 7.49
N LEU A 73 -20.96 5.19 8.23
CA LEU A 73 -22.05 4.44 7.62
C LEU A 73 -23.11 5.45 7.24
N SER A 74 -23.20 5.76 5.95
CA SER A 74 -24.31 6.55 5.45
C SER A 74 -25.63 5.90 5.83
N GLN A 75 -26.71 6.67 5.74
CA GLN A 75 -28.02 6.08 6.01
C GLN A 75 -28.29 4.92 5.06
N ALA A 76 -27.84 5.03 3.81
CA ALA A 76 -27.94 3.90 2.89
C ALA A 76 -27.21 2.69 3.44
N LEU A 77 -25.95 2.88 3.85
CA LEU A 77 -25.17 1.76 4.37
C LEU A 77 -25.75 1.23 5.67
N LYS A 78 -26.28 2.12 6.51
CA LYS A 78 -26.93 1.69 7.74
C LYS A 78 -28.10 0.77 7.43
N PHE A 79 -28.84 1.07 6.37
CA PHE A 79 -29.96 0.23 5.97
C PHE A 79 -29.49 -1.04 5.25
N VAL A 80 -28.41 -0.95 4.48
CA VAL A 80 -27.81 -2.17 3.93
C VAL A 80 -27.24 -3.03 5.04
N ARG A 81 -26.79 -2.42 6.13
CA ARG A 81 -26.33 -3.18 7.28
C ARG A 81 -27.40 -4.12 7.83
N ASP A 82 -28.68 -3.81 7.60
CA ASP A 82 -29.75 -4.69 8.07
C ASP A 82 -29.64 -6.10 7.50
N PHE A 83 -29.02 -6.26 6.33
CA PHE A 83 -28.78 -7.59 5.79
C PHE A 83 -27.33 -7.88 5.43
N ALA A 84 -26.48 -6.86 5.26
CA ALA A 84 -25.05 -7.09 5.12
C ALA A 84 -24.34 -7.15 6.47
N GLY A 85 -25.02 -6.80 7.56
CA GLY A 85 -24.46 -6.95 8.90
C GLY A 85 -23.15 -6.22 9.08
N ASP A 86 -22.25 -6.82 9.86
CA ASP A 86 -20.88 -6.32 9.95
C ASP A 86 -19.98 -6.95 8.90
N GLY A 87 -20.51 -7.19 7.70
CA GLY A 87 -19.66 -7.39 6.55
C GLY A 87 -18.75 -6.20 6.34
N LEU A 88 -17.75 -6.40 5.48
CA LEU A 88 -16.70 -5.39 5.29
C LEU A 88 -17.28 -4.02 4.94
N ALA A 89 -18.33 -3.99 4.11
CA ALA A 89 -18.80 -2.72 3.58
C ALA A 89 -19.69 -1.96 4.55
N THR A 90 -20.39 -2.65 5.44
CA THR A 90 -21.35 -2.03 6.33
C THR A 90 -20.92 -2.11 7.79
N SER A 91 -19.66 -2.42 8.04
CA SER A 91 -19.13 -2.42 9.39
C SER A 91 -18.35 -1.15 9.62
N TRP A 92 -18.33 -0.71 10.88
CA TRP A 92 -17.51 0.41 11.26
C TRP A 92 -16.06 -0.04 11.40
N THR A 93 -15.13 0.89 11.16
CA THR A 93 -13.72 0.55 11.23
C THR A 93 -13.34 0.05 12.62
N HIS A 94 -13.97 0.58 13.66
CA HIS A 94 -13.69 0.19 15.02
C HIS A 94 -14.38 -1.10 15.43
N GLU A 95 -15.24 -1.66 14.59
CA GLU A 95 -15.81 -2.96 14.89
C GLU A 95 -14.77 -4.04 14.68
N LYS A 96 -14.63 -4.92 15.67
CA LYS A 96 -13.60 -5.95 15.61
C LYS A 96 -13.72 -6.77 14.34
N ASN A 97 -14.94 -7.03 13.89
CA ASN A 97 -15.13 -7.84 12.70
C ASN A 97 -14.68 -7.13 11.42
N TRP A 98 -14.54 -5.81 11.43
CA TRP A 98 -14.04 -5.16 10.23
C TRP A 98 -12.57 -5.50 10.01
N LYS A 99 -11.72 -5.17 10.99
CA LYS A 99 -10.30 -5.40 10.84
C LYS A 99 -9.99 -6.88 10.70
N LYS A 100 -10.74 -7.72 11.43
CA LYS A 100 -10.63 -9.17 11.27
C LYS A 100 -10.86 -9.56 9.82
N ALA A 101 -12.06 -9.28 9.29
CA ALA A 101 -12.38 -9.64 7.92
C ALA A 101 -11.45 -8.94 6.93
N HIS A 102 -11.08 -7.69 7.22
CA HIS A 102 -10.14 -6.97 6.39
C HIS A 102 -8.84 -7.75 6.22
N ASN A 103 -8.20 -8.10 7.34
CA ASN A 103 -6.94 -8.84 7.27
C ASN A 103 -7.13 -10.22 6.66
N ILE A 104 -8.27 -10.86 6.95
CA ILE A 104 -8.50 -12.21 6.45
C ILE A 104 -8.73 -12.20 4.95
N LEU A 105 -9.44 -11.18 4.44
CA LEU A 105 -9.88 -11.19 3.05
C LEU A 105 -8.93 -10.48 2.10
N LEU A 106 -8.02 -9.65 2.61
CA LEU A 106 -7.07 -8.98 1.73
C LEU A 106 -6.22 -9.93 0.91
N PRO A 107 -5.70 -11.04 1.45
CA PRO A 107 -4.96 -11.97 0.56
C PRO A 107 -5.82 -12.57 -0.55
N SER A 108 -7.13 -12.70 -0.33
CA SER A 108 -7.99 -13.23 -1.39
C SER A 108 -8.35 -12.20 -2.43
N PHE A 109 -7.96 -10.93 -2.24
CA PHE A 109 -8.23 -9.89 -3.21
C PHE A 109 -6.95 -9.26 -3.75
N SER A 110 -5.80 -9.86 -3.50
CA SER A 110 -4.57 -9.32 -4.04
C SER A 110 -4.59 -9.43 -5.57
N GLN A 111 -3.78 -8.59 -6.20
CA GLN A 111 -3.56 -8.75 -7.64
C GLN A 111 -3.02 -10.15 -7.95
N GLN A 112 -2.28 -10.73 -7.02
CA GLN A 112 -1.77 -12.09 -7.18
C GLN A 112 -2.86 -13.13 -6.99
N ALA A 113 -3.87 -12.84 -6.17
CA ALA A 113 -5.00 -13.76 -6.02
C ALA A 113 -5.94 -13.69 -7.21
N MET A 114 -5.90 -12.58 -7.96
CA MET A 114 -6.66 -12.50 -9.20
C MET A 114 -6.25 -13.59 -10.18
N LYS A 115 -4.99 -14.02 -10.14
CA LYS A 115 -4.54 -15.11 -11.00
C LYS A 115 -5.37 -16.36 -10.76
N GLY A 116 -5.71 -16.64 -9.50
CA GLY A 116 -6.53 -17.80 -9.20
C GLY A 116 -7.96 -17.66 -9.67
N TYR A 117 -8.51 -16.45 -9.62
CA TYR A 117 -9.88 -16.22 -10.09
C TYR A 117 -9.99 -16.16 -11.61
N HIS A 118 -8.86 -15.96 -12.31
CA HIS A 118 -8.93 -15.59 -13.72
C HIS A 118 -9.74 -16.61 -14.52
N ALA A 119 -9.46 -17.89 -14.33
CA ALA A 119 -10.13 -18.93 -15.12
C ALA A 119 -11.64 -18.87 -14.95
N MET A 120 -12.12 -18.66 -13.73
CA MET A 120 -13.56 -18.59 -13.51
C MET A 120 -14.15 -17.29 -14.05
N MET A 121 -13.38 -16.21 -14.05
CA MET A 121 -13.79 -15.00 -14.76
C MET A 121 -13.93 -15.28 -16.25
N VAL A 122 -12.95 -15.97 -16.82
CA VAL A 122 -13.03 -16.35 -18.23
C VAL A 122 -14.25 -17.22 -18.47
N ASP A 123 -14.49 -18.19 -17.57
CA ASP A 123 -15.66 -19.04 -17.67
C ASP A 123 -16.93 -18.23 -17.89
N ILE A 124 -17.11 -17.18 -17.07
CA ILE A 124 -18.32 -16.36 -17.19
C ILE A 124 -18.21 -15.45 -18.40
N ALA A 125 -17.03 -14.87 -18.63
CA ALA A 125 -16.85 -14.00 -19.79
C ALA A 125 -17.11 -14.74 -21.09
N VAL A 126 -16.67 -16.00 -21.19
CA VAL A 126 -16.95 -16.81 -22.37
C VAL A 126 -18.45 -17.01 -22.52
N GLN A 127 -19.16 -17.23 -21.41
CA GLN A 127 -20.61 -17.37 -21.49
C GLN A 127 -21.24 -16.11 -22.04
N LEU A 128 -20.75 -14.95 -21.60
CA LEU A 128 -21.24 -13.69 -22.14
C LEU A 128 -20.96 -13.60 -23.63
N VAL A 129 -19.72 -13.91 -24.03
CA VAL A 129 -19.34 -13.82 -25.43
C VAL A 129 -20.16 -14.78 -26.28
N GLN A 130 -20.35 -16.01 -25.80
CA GLN A 130 -21.14 -16.96 -26.58
C GLN A 130 -22.62 -16.57 -26.64
N LYS A 131 -23.16 -15.98 -25.58
CA LYS A 131 -24.53 -15.48 -25.65
C LYS A 131 -24.67 -14.50 -26.81
N TRP A 132 -23.72 -13.59 -26.96
CA TRP A 132 -23.84 -12.53 -27.96
C TRP A 132 -23.59 -13.05 -29.37
N GLU A 133 -22.62 -13.97 -29.54
CA GLU A 133 -22.42 -14.55 -30.87
C GLU A 133 -23.57 -15.46 -31.27
N ARG A 134 -24.38 -15.90 -30.31
CA ARG A 134 -25.54 -16.74 -30.61
C ARG A 134 -26.80 -15.93 -30.83
N LEU A 135 -26.72 -14.61 -30.68
CA LEU A 135 -27.85 -13.77 -31.01
C LEU A 135 -28.07 -13.81 -32.52
N ASN A 136 -29.33 -13.68 -32.91
CA ASN A 136 -29.62 -13.66 -34.33
C ASN A 136 -29.43 -12.24 -34.86
N ALA A 137 -29.42 -12.12 -36.19
CA ALA A 137 -29.27 -10.82 -36.81
C ALA A 137 -30.34 -9.86 -36.30
N ASP A 138 -29.97 -8.58 -36.19
CA ASP A 138 -30.88 -7.51 -35.79
C ASP A 138 -31.28 -7.61 -34.32
N GLU A 139 -30.95 -8.71 -33.66
CA GLU A 139 -31.17 -8.79 -32.22
C GLU A 139 -30.19 -7.89 -31.51
N HIS A 140 -30.60 -7.38 -30.35
CA HIS A 140 -29.78 -6.43 -29.62
C HIS A 140 -29.45 -6.99 -28.24
N ILE A 141 -28.51 -6.32 -27.59
CA ILE A 141 -28.01 -6.69 -26.28
C ILE A 141 -28.58 -5.72 -25.26
N GLU A 142 -29.17 -6.25 -24.19
CA GLU A 142 -29.54 -5.43 -23.04
C GLU A 142 -28.29 -5.36 -22.17
N VAL A 143 -27.57 -4.25 -22.27
CA VAL A 143 -26.19 -4.19 -21.79
C VAL A 143 -26.12 -4.30 -20.27
N PRO A 144 -26.75 -3.42 -19.48
CA PRO A 144 -26.63 -3.59 -18.02
C PRO A 144 -27.16 -4.92 -17.53
N GLU A 145 -28.22 -5.42 -18.17
CA GLU A 145 -28.76 -6.73 -17.80
C GLU A 145 -27.70 -7.82 -17.97
N ASP A 146 -27.04 -7.85 -19.14
CA ASP A 146 -26.02 -8.87 -19.37
C ASP A 146 -24.77 -8.61 -18.53
N MET A 147 -24.42 -7.34 -18.30
CA MET A 147 -23.28 -7.06 -17.43
C MET A 147 -23.56 -7.53 -16.02
N THR A 148 -24.81 -7.40 -15.56
CA THR A 148 -25.16 -7.91 -14.23
C THR A 148 -25.15 -9.43 -14.22
N ARG A 149 -25.65 -10.07 -15.28
CA ARG A 149 -25.50 -11.51 -15.43
C ARG A 149 -24.05 -11.93 -15.27
N LEU A 150 -23.15 -11.22 -15.93
CA LEU A 150 -21.74 -11.60 -15.88
C LEU A 150 -21.15 -11.34 -14.50
N THR A 151 -21.31 -10.12 -13.98
CA THR A 151 -20.66 -9.76 -12.72
C THR A 151 -21.22 -10.57 -11.56
N LEU A 152 -22.53 -10.79 -11.54
CA LEU A 152 -23.10 -11.65 -10.50
C LEU A 152 -22.52 -13.06 -10.59
N ASP A 153 -22.48 -13.63 -11.79
CA ASP A 153 -21.96 -14.98 -11.92
C ASP A 153 -20.47 -15.03 -11.63
N THR A 154 -19.73 -13.99 -12.02
CA THR A 154 -18.30 -13.99 -11.77
C THR A 154 -18.00 -13.97 -10.28
N ILE A 155 -18.69 -13.11 -9.52
CA ILE A 155 -18.46 -13.09 -8.08
C ILE A 155 -19.03 -14.35 -7.44
N GLY A 156 -20.16 -14.86 -7.93
CA GLY A 156 -20.68 -16.11 -7.42
C GLY A 156 -19.70 -17.25 -7.62
N LEU A 157 -19.13 -17.33 -8.83
CA LEU A 157 -18.20 -18.42 -9.13
C LEU A 157 -16.85 -18.18 -8.46
N CYS A 158 -16.27 -17.00 -8.66
CA CYS A 158 -14.96 -16.72 -8.08
C CYS A 158 -15.02 -16.60 -6.57
N GLY A 159 -16.16 -16.18 -6.02
CA GLY A 159 -16.28 -15.96 -4.60
C GLY A 159 -16.63 -17.18 -3.78
N PHE A 160 -17.59 -17.99 -4.25
CA PHE A 160 -18.00 -19.15 -3.46
C PHE A 160 -18.30 -20.36 -4.32
N ASN A 161 -17.63 -20.47 -5.48
CA ASN A 161 -17.79 -21.62 -6.38
C ASN A 161 -19.26 -21.95 -6.60
N TYR A 162 -20.08 -20.91 -6.66
CA TYR A 162 -21.51 -21.04 -6.89
C TYR A 162 -21.85 -20.46 -8.26
N ARG A 163 -22.63 -21.20 -9.03
CA ARG A 163 -23.02 -20.76 -10.36
C ARG A 163 -24.45 -20.24 -10.30
N PHE A 164 -24.59 -18.91 -10.32
CA PHE A 164 -25.91 -18.32 -10.42
C PHE A 164 -26.55 -18.61 -11.77
N ASN A 165 -25.74 -18.97 -12.76
CA ASN A 165 -26.22 -19.35 -14.08
C ASN A 165 -27.17 -18.28 -14.63
N SER A 166 -26.75 -17.01 -14.48
CA SER A 166 -27.60 -15.90 -14.91
C SER A 166 -27.81 -15.91 -16.41
N PHE A 167 -26.88 -16.45 -17.17
CA PHE A 167 -27.06 -16.52 -18.62
C PHE A 167 -28.01 -17.63 -19.04
N TYR A 168 -28.52 -18.40 -18.08
CA TYR A 168 -29.56 -19.38 -18.35
C TYR A 168 -30.94 -18.88 -17.94
N ARG A 169 -31.04 -17.60 -17.59
CA ARG A 169 -32.27 -17.00 -17.09
C ARG A 169 -32.53 -15.70 -17.81
N ASP A 170 -33.80 -15.30 -17.87
CA ASP A 170 -34.19 -13.93 -18.15
C ASP A 170 -34.60 -13.19 -16.88
N GLN A 171 -35.39 -13.84 -16.04
CA GLN A 171 -35.68 -13.32 -14.71
C GLN A 171 -34.52 -13.64 -13.77
N PRO A 172 -33.96 -12.65 -13.10
CA PRO A 172 -32.72 -12.87 -12.33
C PRO A 172 -32.94 -13.85 -11.18
N HIS A 173 -31.82 -14.32 -10.64
CA HIS A 173 -31.82 -15.29 -9.56
C HIS A 173 -32.68 -14.78 -8.40
N PRO A 174 -33.48 -15.66 -7.76
CA PRO A 174 -34.29 -15.22 -6.61
C PRO A 174 -33.52 -14.45 -5.56
N PHE A 175 -32.25 -14.79 -5.36
CA PHE A 175 -31.41 -14.01 -4.44
C PHE A 175 -31.33 -12.56 -4.90
N ILE A 176 -31.08 -12.34 -6.19
CA ILE A 176 -30.96 -10.98 -6.72
C ILE A 176 -32.26 -10.20 -6.55
N THR A 177 -33.39 -10.82 -6.91
CA THR A 177 -34.66 -10.11 -6.78
C THR A 177 -34.97 -9.80 -5.33
N SER A 178 -34.60 -10.72 -4.42
CA SER A 178 -34.68 -10.42 -3.00
C SER A 178 -33.65 -9.36 -2.61
N MET A 179 -32.42 -9.50 -3.11
CA MET A 179 -31.38 -8.52 -2.83
C MET A 179 -31.77 -7.14 -3.32
N VAL A 180 -32.25 -7.05 -4.57
CA VAL A 180 -32.63 -5.76 -5.13
C VAL A 180 -33.78 -5.13 -4.34
N ARG A 181 -34.79 -5.93 -4.02
CA ARG A 181 -35.91 -5.41 -3.22
C ARG A 181 -35.43 -4.97 -1.83
N ALA A 182 -34.50 -5.70 -1.24
CA ALA A 182 -33.90 -5.26 0.01
C ALA A 182 -33.20 -3.93 -0.16
N LEU A 183 -32.29 -3.85 -1.14
CA LEU A 183 -31.66 -2.58 -1.50
C LEU A 183 -32.72 -1.52 -1.81
N ASP A 184 -33.78 -1.92 -2.52
CA ASP A 184 -34.88 -1.01 -2.79
C ASP A 184 -35.49 -0.48 -1.49
N GLU A 185 -35.88 -1.39 -0.59
CA GLU A 185 -36.42 -0.95 0.69
C GLU A 185 -35.40 -0.14 1.49
N ALA A 186 -34.14 -0.57 1.47
CA ALA A 186 -33.08 0.18 2.15
C ALA A 186 -32.95 1.58 1.57
N MET A 187 -33.04 1.70 0.24
CA MET A 187 -32.96 3.03 -0.37
C MET A 187 -34.23 3.82 -0.12
N ASN A 188 -35.38 3.17 -0.21
CA ASN A 188 -36.65 3.85 0.03
C ASN A 188 -36.77 4.28 1.49
N LYS A 189 -36.13 3.55 2.41
CA LYS A 189 -36.22 3.87 3.83
C LYS A 189 -35.59 5.20 4.19
N LEU A 190 -34.80 5.80 3.28
CA LEU A 190 -34.30 7.15 3.53
C LEU A 190 -35.45 8.15 3.65
N GLN A 191 -36.55 7.91 2.93
CA GLN A 191 -37.70 8.80 2.89
C GLN A 191 -38.85 8.33 3.77
N ARG A 192 -38.57 7.54 4.82
CA ARG A 192 -39.61 6.93 5.64
C ARG A 192 -39.86 7.79 6.88
N ALA A 193 -40.85 8.68 6.77
CA ALA A 193 -41.43 9.44 7.89
C ALA A 193 -40.46 9.75 9.03
N ASP A 201 -45.92 -1.92 7.50
CA ASP A 201 -45.83 -3.28 7.99
C ASP A 201 -45.67 -4.27 6.83
N GLU A 202 -46.27 -3.97 5.68
CA GLU A 202 -46.07 -4.81 4.49
C GLU A 202 -44.64 -4.68 3.96
N ASN A 203 -44.10 -3.46 3.99
CA ASN A 203 -42.72 -3.26 3.55
C ASN A 203 -41.73 -4.00 4.44
N LYS A 204 -41.92 -3.94 5.76
CA LYS A 204 -41.00 -4.58 6.69
C LYS A 204 -41.08 -6.10 6.57
N ARG A 205 -42.30 -6.65 6.53
CA ARG A 205 -42.46 -8.08 6.37
C ARG A 205 -41.83 -8.56 5.08
N GLN A 206 -42.02 -7.81 3.99
CA GLN A 206 -41.33 -8.12 2.75
C GLN A 206 -39.82 -8.00 2.90
N PHE A 207 -39.37 -6.97 3.63
CA PHE A 207 -37.94 -6.78 3.87
C PHE A 207 -37.36 -7.98 4.62
N GLN A 208 -38.03 -8.41 5.69
CA GLN A 208 -37.54 -9.55 6.45
C GLN A 208 -37.54 -10.81 5.61
N GLU A 209 -38.56 -10.98 4.75
CA GLU A 209 -38.59 -12.14 3.87
C GLU A 209 -37.44 -12.12 2.87
N ASP A 210 -37.11 -10.94 2.34
CA ASP A 210 -36.01 -10.84 1.41
C ASP A 210 -34.67 -11.13 2.09
N ILE A 211 -34.53 -10.69 3.33
CA ILE A 211 -33.34 -11.02 4.12
C ILE A 211 -33.23 -12.54 4.29
N LYS A 212 -34.34 -13.18 4.64
CA LYS A 212 -34.33 -14.63 4.86
C LYS A 212 -33.97 -15.36 3.57
N VAL A 213 -34.49 -14.91 2.43
CA VAL A 213 -34.12 -15.53 1.16
C VAL A 213 -32.62 -15.45 0.95
N MET A 214 -32.04 -14.29 1.23
CA MET A 214 -30.59 -14.13 1.13
C MET A 214 -29.88 -14.99 2.19
N ASN A 215 -30.32 -14.89 3.44
CA ASN A 215 -29.60 -15.57 4.52
C ASN A 215 -29.66 -17.09 4.36
N ASP A 216 -30.81 -17.63 3.99
CA ASP A 216 -30.97 -19.08 3.94
C ASP A 216 -30.08 -19.69 2.87
N LEU A 217 -30.11 -19.14 1.65
CA LEU A 217 -29.21 -19.58 0.61
C LEU A 217 -27.75 -19.51 1.06
N VAL A 218 -27.31 -18.31 1.47
CA VAL A 218 -25.93 -18.11 1.93
C VAL A 218 -25.58 -19.14 2.99
N ASP A 219 -26.35 -19.17 4.08
CA ASP A 219 -26.06 -20.11 5.16
C ASP A 219 -26.04 -21.55 4.66
N LYS A 220 -26.88 -21.88 3.68
CA LYS A 220 -26.85 -23.21 3.09
C LYS A 220 -25.47 -23.53 2.51
N ILE A 221 -24.93 -22.63 1.68
CA ILE A 221 -23.65 -22.93 1.04
C ILE A 221 -22.53 -22.98 2.06
N ILE A 222 -22.61 -22.15 3.11
CA ILE A 222 -21.64 -22.26 4.21
C ILE A 222 -21.74 -23.63 4.85
N ALA A 223 -22.97 -24.07 5.15
CA ALA A 223 -23.16 -25.41 5.70
C ALA A 223 -22.76 -26.47 4.68
N ASP A 224 -23.06 -26.24 3.41
CA ASP A 224 -22.64 -27.16 2.35
C ASP A 224 -21.12 -27.23 2.27
N ARG A 225 -20.46 -26.08 2.24
CA ARG A 225 -19.01 -26.04 2.16
C ARG A 225 -18.37 -26.56 3.43
N GLY A 229 -16.37 -31.01 2.77
CA GLY A 229 -15.32 -30.07 3.09
C GLY A 229 -14.40 -29.78 1.92
N GLU A 230 -15.01 -29.51 0.76
CA GLU A 230 -14.24 -29.27 -0.45
C GLU A 230 -13.48 -27.96 -0.36
N GLN A 231 -12.22 -27.97 -0.78
CA GLN A 231 -11.37 -26.80 -0.82
C GLN A 231 -11.41 -26.23 -2.23
N SER A 232 -12.10 -25.10 -2.40
CA SER A 232 -12.10 -24.39 -3.66
C SER A 232 -11.13 -23.21 -3.62
N ASP A 233 -10.84 -22.68 -4.80
CA ASP A 233 -9.97 -21.50 -4.94
C ASP A 233 -10.83 -20.25 -5.03
N ASP A 234 -11.45 -19.92 -3.90
CA ASP A 234 -12.46 -18.87 -3.85
C ASP A 234 -12.38 -18.09 -2.55
N LEU A 235 -13.20 -17.04 -2.47
CA LEU A 235 -13.30 -16.24 -1.25
C LEU A 235 -13.79 -17.08 -0.09
N LEU A 236 -14.71 -18.02 -0.36
CA LEU A 236 -15.33 -18.76 0.72
C LEU A 236 -14.30 -19.59 1.48
N THR A 237 -13.35 -20.18 0.75
CA THR A 237 -12.27 -20.92 1.40
C THR A 237 -11.50 -20.04 2.36
N HIS A 238 -11.05 -18.86 1.90
CA HIS A 238 -10.33 -17.93 2.77
C HIS A 238 -11.19 -17.51 3.96
N MET A 239 -12.51 -17.36 3.76
CA MET A 239 -13.36 -16.99 4.87
C MET A 239 -13.46 -18.12 5.90
N LEU A 240 -13.58 -19.36 5.41
CA LEU A 240 -13.75 -20.49 6.32
C LEU A 240 -12.44 -20.86 7.02
N ASN A 241 -11.30 -20.69 6.34
CA ASN A 241 -10.03 -21.12 6.90
C ASN A 241 -9.10 -19.97 7.25
N GLY A 242 -9.36 -18.77 6.79
CA GLY A 242 -8.47 -17.66 7.09
C GLY A 242 -8.57 -17.26 8.56
N LYS A 243 -7.42 -17.02 9.16
CA LYS A 243 -7.34 -16.49 10.52
C LYS A 243 -6.69 -15.12 10.47
N ASP A 244 -7.30 -14.17 11.16
CA ASP A 244 -6.75 -12.83 11.24
C ASP A 244 -5.39 -12.86 11.91
N PRO A 245 -4.32 -12.41 11.25
CA PRO A 245 -3.00 -12.45 11.89
C PRO A 245 -2.93 -11.63 13.17
N GLU A 246 -3.73 -10.56 13.27
CA GLU A 246 -3.75 -9.74 14.48
C GLU A 246 -4.35 -10.52 15.64
N THR A 247 -5.66 -10.79 15.59
CA THR A 247 -6.32 -11.48 16.69
C THR A 247 -6.08 -12.98 16.69
N GLY A 248 -5.54 -13.54 15.61
CA GLY A 248 -5.44 -14.98 15.50
C GLY A 248 -6.76 -15.68 15.26
N GLU A 249 -7.85 -14.93 15.11
CA GLU A 249 -9.19 -15.48 15.00
C GLU A 249 -9.64 -15.58 13.56
N PRO A 250 -10.41 -16.62 13.26
CA PRO A 250 -11.16 -16.66 12.00
C PRO A 250 -12.47 -15.89 12.15
N LEU A 251 -13.08 -15.60 11.01
CA LEU A 251 -14.45 -15.10 11.02
C LEU A 251 -15.37 -16.18 11.55
N ASP A 252 -16.31 -15.79 12.42
CA ASP A 252 -17.33 -16.76 12.80
C ASP A 252 -18.36 -16.88 11.68
N ASP A 253 -19.22 -17.90 11.78
CA ASP A 253 -20.14 -18.17 10.68
C ASP A 253 -21.13 -17.04 10.46
N GLU A 254 -21.51 -16.32 11.52
CA GLU A 254 -22.44 -15.22 11.32
C GLU A 254 -21.82 -14.10 10.48
N ASN A 255 -20.53 -13.82 10.69
CA ASN A 255 -19.88 -12.80 9.87
C ASN A 255 -19.57 -13.31 8.47
N ILE A 256 -19.22 -14.60 8.35
CA ILE A 256 -18.98 -15.17 7.02
C ILE A 256 -20.22 -15.01 6.14
N ARG A 257 -21.40 -15.27 6.71
CA ARG A 257 -22.64 -15.07 5.95
C ARG A 257 -22.78 -13.61 5.55
N TYR A 258 -22.45 -12.69 6.45
CA TYR A 258 -22.51 -11.27 6.11
C TYR A 258 -21.53 -10.93 5.01
N GLN A 259 -20.32 -11.52 5.04
CA GLN A 259 -19.35 -11.24 3.99
C GLN A 259 -19.82 -11.74 2.64
N ILE A 260 -20.36 -12.96 2.59
CA ILE A 260 -20.89 -13.48 1.33
C ILE A 260 -21.98 -12.55 0.80
N ILE A 261 -22.96 -12.25 1.64
CA ILE A 261 -23.99 -11.28 1.29
C ILE A 261 -23.34 -9.97 0.85
N THR A 262 -22.36 -9.49 1.62
CA THR A 262 -21.65 -8.27 1.24
C THR A 262 -21.00 -8.41 -0.12
N PHE A 263 -20.21 -9.48 -0.30
CA PHE A 263 -19.50 -9.63 -1.56
C PHE A 263 -20.44 -9.93 -2.71
N LEU A 264 -21.56 -10.60 -2.45
CA LEU A 264 -22.53 -10.79 -3.52
C LEU A 264 -23.09 -9.45 -3.96
N ILE A 265 -23.52 -8.62 -3.01
CA ILE A 265 -23.95 -7.26 -3.35
C ILE A 265 -22.79 -6.48 -3.96
N ALA A 266 -21.73 -6.26 -3.15
CA ALA A 266 -20.64 -5.40 -3.56
C ALA A 266 -19.83 -5.95 -4.71
N GLY A 267 -19.95 -7.25 -5.02
CA GLY A 267 -19.11 -7.84 -6.05
C GLY A 267 -19.61 -7.69 -7.46
N HIS A 268 -20.90 -7.42 -7.65
CA HIS A 268 -21.44 -7.46 -9.02
C HIS A 268 -21.94 -6.13 -9.54
N GLU A 269 -22.86 -5.44 -8.84
CA GLU A 269 -23.64 -4.40 -9.51
C GLU A 269 -22.81 -3.17 -9.79
N THR A 270 -21.95 -2.75 -8.85
CA THR A 270 -21.03 -1.65 -9.14
C THR A 270 -20.11 -2.04 -10.29
N THR A 271 -19.71 -3.30 -10.36
CA THR A 271 -18.86 -3.74 -11.45
C THR A 271 -19.65 -3.81 -12.76
N SER A 272 -20.90 -4.27 -12.69
CA SER A 272 -21.72 -4.32 -13.91
C SER A 272 -22.01 -2.92 -14.43
N GLY A 273 -22.29 -1.99 -13.52
CA GLY A 273 -22.43 -0.61 -13.93
C GLY A 273 -21.20 -0.09 -14.64
N LEU A 274 -20.02 -0.41 -14.11
CA LEU A 274 -18.78 0.00 -14.76
C LEU A 274 -18.73 -0.49 -16.20
N LEU A 275 -18.91 -1.80 -16.40
CA LEU A 275 -18.90 -2.34 -17.75
C LEU A 275 -20.00 -1.71 -18.60
N SER A 276 -21.17 -1.49 -18.01
CA SER A 276 -22.27 -0.88 -18.75
C SER A 276 -21.93 0.54 -19.15
N PHE A 277 -21.41 1.33 -18.20
CA PHE A 277 -20.99 2.68 -18.54
C PHE A 277 -19.81 2.67 -19.51
N ALA A 278 -18.86 1.76 -19.30
CA ALA A 278 -17.71 1.66 -20.21
C ALA A 278 -18.16 1.44 -21.65
N LEU A 279 -18.99 0.41 -21.87
CA LEU A 279 -19.47 0.14 -23.22
C LEU A 279 -20.27 1.31 -23.75
N TYR A 280 -21.08 1.93 -22.90
CA TYR A 280 -21.81 3.13 -23.30
C TYR A 280 -20.86 4.19 -23.85
N PHE A 281 -19.82 4.52 -23.09
CA PHE A 281 -18.90 5.55 -23.52
C PHE A 281 -18.12 5.12 -24.76
N LEU A 282 -17.84 3.82 -24.90
CA LEU A 282 -17.13 3.35 -26.08
C LEU A 282 -17.96 3.55 -27.34
N VAL A 283 -19.23 3.11 -27.33
CA VAL A 283 -20.05 3.28 -28.52
C VAL A 283 -20.36 4.74 -28.76
N LYS A 284 -20.32 5.58 -27.73
CA LYS A 284 -20.51 7.02 -27.90
C LYS A 284 -19.24 7.72 -28.36
N ASN A 285 -18.09 7.04 -28.33
CA ASN A 285 -16.82 7.60 -28.73
C ASN A 285 -16.13 6.60 -29.64
N PRO A 286 -16.57 6.51 -30.90
CA PRO A 286 -16.04 5.48 -31.81
C PRO A 286 -14.52 5.47 -31.92
N HIS A 287 -13.88 6.63 -31.82
CA HIS A 287 -12.42 6.66 -31.84
C HIS A 287 -11.84 5.98 -30.60
N VAL A 288 -12.45 6.20 -29.44
CA VAL A 288 -12.03 5.48 -28.24
C VAL A 288 -12.31 3.99 -28.41
N LEU A 289 -13.48 3.66 -28.93
CA LEU A 289 -13.83 2.27 -29.20
C LEU A 289 -12.81 1.60 -30.11
N GLN A 290 -12.48 2.25 -31.22
CA GLN A 290 -11.54 1.69 -32.17
C GLN A 290 -10.17 1.46 -31.53
N LYS A 291 -9.69 2.45 -30.76
CA LYS A 291 -8.41 2.30 -30.08
C LYS A 291 -8.45 1.15 -29.08
N ALA A 292 -9.51 1.06 -28.29
CA ALA A 292 -9.64 -0.05 -27.37
C ALA A 292 -9.79 -1.37 -28.12
N ALA A 293 -10.60 -1.38 -29.18
CA ALA A 293 -10.77 -2.59 -29.98
C ALA A 293 -9.45 -3.02 -30.59
N GLU A 294 -8.63 -2.06 -31.04
CA GLU A 294 -7.34 -2.42 -31.62
C GLU A 294 -6.40 -2.99 -30.57
N GLU A 295 -6.47 -2.46 -29.34
CA GLU A 295 -5.67 -3.04 -28.27
C GLU A 295 -6.12 -4.47 -27.96
N ALA A 296 -7.44 -4.68 -27.88
CA ALA A 296 -7.95 -6.03 -27.65
C ALA A 296 -7.45 -7.00 -28.71
N ALA A 297 -7.46 -6.58 -29.98
CA ALA A 297 -6.99 -7.42 -31.07
C ALA A 297 -5.49 -7.69 -30.94
N ARG A 298 -4.73 -6.66 -30.54
CA ARG A 298 -3.28 -6.81 -30.46
C ARG A 298 -2.87 -7.69 -29.29
N VAL A 299 -3.59 -7.63 -28.19
CA VAL A 299 -3.19 -8.28 -26.95
C VAL A 299 -3.85 -9.65 -26.78
N LEU A 300 -5.14 -9.77 -27.11
CA LEU A 300 -5.86 -11.02 -26.90
C LEU A 300 -5.70 -11.94 -28.12
N VAL A 301 -4.44 -12.34 -28.34
CA VAL A 301 -4.09 -13.18 -29.48
C VAL A 301 -4.46 -14.64 -29.27
N ASP A 302 -4.93 -15.01 -28.08
CA ASP A 302 -5.30 -16.38 -27.78
C ASP A 302 -6.82 -16.53 -27.73
N PRO A 303 -7.35 -17.71 -28.01
CA PRO A 303 -8.81 -17.90 -27.94
C PRO A 303 -9.38 -17.57 -26.58
N VAL A 304 -8.58 -17.75 -25.53
CA VAL A 304 -8.95 -17.45 -24.16
C VAL A 304 -7.93 -16.45 -23.62
N PRO A 305 -8.35 -15.30 -23.12
CA PRO A 305 -7.36 -14.34 -22.59
C PRO A 305 -6.67 -14.89 -21.35
N SER A 306 -5.36 -14.72 -21.31
CA SER A 306 -4.61 -15.05 -20.11
C SER A 306 -4.66 -13.89 -19.12
N TYR A 307 -4.29 -14.18 -17.88
CA TYR A 307 -4.19 -13.14 -16.86
C TYR A 307 -3.25 -12.03 -17.30
N LYS A 308 -2.08 -12.40 -17.83
CA LYS A 308 -1.09 -11.40 -18.23
C LYS A 308 -1.60 -10.56 -19.39
N GLN A 309 -2.33 -11.18 -20.32
CA GLN A 309 -2.90 -10.44 -21.43
C GLN A 309 -3.88 -9.38 -20.93
N VAL A 310 -4.68 -9.73 -19.92
CA VAL A 310 -5.60 -8.75 -19.34
C VAL A 310 -4.83 -7.58 -18.76
N LYS A 311 -3.73 -7.87 -18.04
CA LYS A 311 -2.91 -6.80 -17.50
C LYS A 311 -2.31 -5.93 -18.60
N GLN A 312 -2.12 -6.50 -19.79
CA GLN A 312 -1.60 -5.73 -20.92
C GLN A 312 -2.65 -4.86 -21.59
N LEU A 313 -3.93 -5.05 -21.26
CA LEU A 313 -5.00 -4.24 -21.85
C LEU A 313 -5.00 -2.86 -21.20
N LYS A 314 -3.91 -2.13 -21.45
CA LYS A 314 -3.71 -0.84 -20.80
C LYS A 314 -4.82 0.13 -21.18
N TYR A 315 -5.12 0.26 -22.48
CA TYR A 315 -6.13 1.22 -22.90
C TYR A 315 -7.50 0.82 -22.39
N VAL A 316 -7.83 -0.47 -22.45
CA VAL A 316 -9.08 -0.94 -21.86
C VAL A 316 -9.15 -0.54 -20.39
N GLY A 317 -8.04 -0.69 -19.67
CA GLY A 317 -8.01 -0.27 -18.29
C GLY A 317 -8.22 1.23 -18.14
N MET A 318 -7.62 2.02 -19.04
CA MET A 318 -7.87 3.46 -19.03
C MET A 318 -9.32 3.76 -19.34
N VAL A 319 -9.91 3.00 -20.28
CA VAL A 319 -11.32 3.17 -20.61
C VAL A 319 -12.17 2.97 -19.37
N LEU A 320 -11.89 1.92 -18.61
CA LEU A 320 -12.64 1.63 -17.40
C LEU A 320 -12.47 2.73 -16.37
N ASN A 321 -11.23 3.20 -16.19
CA ASN A 321 -10.98 4.27 -15.22
C ASN A 321 -11.69 5.55 -15.63
N GLU A 322 -11.69 5.86 -16.93
CA GLU A 322 -12.42 7.04 -17.39
C GLU A 322 -13.92 6.85 -17.19
N ALA A 323 -14.42 5.64 -17.42
CA ALA A 323 -15.82 5.35 -17.12
C ALA A 323 -16.10 5.52 -15.64
N LEU A 324 -15.22 5.01 -14.78
CA LEU A 324 -15.36 5.22 -13.34
C LEU A 324 -15.22 6.69 -12.97
N ARG A 325 -14.45 7.46 -13.73
CA ARG A 325 -14.38 8.88 -13.47
C ARG A 325 -15.74 9.52 -13.68
N LEU A 326 -16.31 9.33 -14.86
CA LEU A 326 -17.55 10.01 -15.17
C LEU A 326 -18.71 9.46 -14.33
N TRP A 327 -18.79 8.15 -14.17
CA TRP A 327 -19.92 7.55 -13.45
C TRP A 327 -19.42 6.48 -12.48
N PRO A 328 -18.80 6.91 -11.38
CA PRO A 328 -18.44 5.95 -10.33
C PRO A 328 -19.69 5.27 -9.78
N THR A 329 -19.74 3.95 -9.96
CA THR A 329 -20.98 3.24 -9.73
C THR A 329 -21.31 3.05 -8.25
N ALA A 330 -20.34 3.23 -7.37
CA ALA A 330 -20.67 3.47 -5.97
C ALA A 330 -20.45 4.96 -5.74
N PRO A 331 -21.47 5.79 -5.99
CA PRO A 331 -21.22 7.21 -6.27
C PRO A 331 -20.91 8.06 -5.06
N ALA A 332 -20.92 7.49 -3.86
CA ALA A 332 -20.59 8.28 -2.68
C ALA A 332 -20.10 7.34 -1.60
N PHE A 333 -19.33 7.92 -0.67
CA PHE A 333 -19.05 7.28 0.59
C PHE A 333 -19.09 8.34 1.67
N SER A 334 -19.28 7.90 2.91
CA SER A 334 -19.49 8.79 4.02
C SER A 334 -18.30 8.74 4.96
N LEU A 335 -18.00 9.88 5.57
CA LEU A 335 -16.92 9.99 6.53
C LEU A 335 -17.43 10.74 7.74
N TYR A 336 -16.77 10.53 8.87
CA TYR A 336 -17.04 11.30 10.07
C TYR A 336 -15.72 11.79 10.63
N ALA A 337 -15.74 12.99 11.20
CA ALA A 337 -14.54 13.55 11.79
C ALA A 337 -14.16 12.78 13.05
N LYS A 338 -12.96 12.21 13.06
CA LYS A 338 -12.48 11.51 14.25
C LYS A 338 -12.31 12.48 15.41
N GLU A 339 -11.85 13.70 15.13
CA GLU A 339 -11.72 14.73 16.13
C GLU A 339 -12.19 16.04 15.53
N ASP A 340 -12.34 17.05 16.38
CA ASP A 340 -12.52 18.41 15.90
C ASP A 340 -11.43 18.72 14.89
N THR A 341 -11.84 19.29 13.75
CA THR A 341 -10.89 19.57 12.69
C THR A 341 -11.50 20.63 11.79
N VAL A 342 -10.64 21.34 11.08
CA VAL A 342 -11.07 22.41 10.18
C VAL A 342 -10.84 21.93 8.76
N LEU A 343 -11.89 21.95 7.97
CA LEU A 343 -11.84 21.46 6.59
C LEU A 343 -11.57 22.63 5.66
N GLY A 344 -10.47 22.56 4.92
CA GLY A 344 -10.15 23.59 3.96
C GLY A 344 -9.81 24.94 4.58
N GLY A 345 -9.39 24.95 5.84
CA GLY A 345 -9.06 26.18 6.52
C GLY A 345 -10.23 27.11 6.77
N GLU A 346 -11.45 26.68 6.49
CA GLU A 346 -12.60 27.59 6.57
C GLU A 346 -13.88 26.92 7.04
N TYR A 347 -13.91 25.58 7.07
CA TYR A 347 -15.10 24.84 7.50
C TYR A 347 -14.76 24.05 8.75
N PRO A 348 -14.97 24.63 9.94
CA PRO A 348 -14.67 23.91 11.18
C PRO A 348 -15.68 22.77 11.37
N LEU A 349 -15.16 21.60 11.68
CA LEU A 349 -15.97 20.42 11.91
C LEU A 349 -15.78 19.96 13.35
N GLU A 350 -16.88 19.60 13.98
CA GLU A 350 -16.84 19.03 15.32
C GLU A 350 -16.68 17.53 15.22
N LYS A 351 -16.14 16.94 16.29
CA LYS A 351 -15.97 15.49 16.36
C LYS A 351 -17.27 14.78 16.03
N GLY A 352 -17.19 13.80 15.14
CA GLY A 352 -18.35 13.06 14.70
C GLY A 352 -19.12 13.70 13.56
N ASP A 353 -18.73 14.89 13.12
CA ASP A 353 -19.41 15.52 12.01
C ASP A 353 -19.22 14.70 10.75
N GLU A 354 -20.30 14.53 10.00
CA GLU A 354 -20.32 13.65 8.87
C GLU A 354 -19.99 14.38 7.57
N LEU A 355 -19.34 13.67 6.67
CA LEU A 355 -19.10 14.14 5.32
C LEU A 355 -19.61 13.10 4.33
N MET A 356 -20.09 13.58 3.19
CA MET A 356 -20.36 12.73 2.04
C MET A 356 -19.39 13.14 0.94
N VAL A 357 -18.68 12.18 0.36
CA VAL A 357 -17.86 12.44 -0.81
C VAL A 357 -18.72 12.12 -2.03
N LEU A 358 -19.09 13.15 -2.76
CA LEU A 358 -19.88 12.99 -3.99
C LEU A 358 -18.91 12.69 -5.11
N ILE A 359 -18.61 11.40 -5.29
CA ILE A 359 -17.53 11.00 -6.19
C ILE A 359 -17.72 11.50 -7.61
N PRO A 360 -18.90 11.40 -8.23
CA PRO A 360 -19.02 11.90 -9.62
C PRO A 360 -18.70 13.37 -9.73
N GLN A 361 -19.02 14.16 -8.70
CA GLN A 361 -18.67 15.58 -8.72
C GLN A 361 -17.18 15.78 -8.50
N LEU A 362 -16.61 15.05 -7.54
CA LEU A 362 -15.16 15.05 -7.36
C LEU A 362 -14.46 14.79 -8.68
N HIS A 363 -14.92 13.80 -9.41
CA HIS A 363 -14.37 13.42 -10.72
C HIS A 363 -14.67 14.41 -11.81
N ARG A 364 -15.44 15.46 -11.51
CA ARG A 364 -15.68 16.55 -12.45
C ARG A 364 -14.98 17.82 -12.01
N ASP A 365 -14.08 17.72 -11.02
CA ASP A 365 -13.36 18.88 -10.52
C ASP A 365 -12.52 19.47 -11.64
N LYS A 366 -12.88 20.66 -12.10
CA LYS A 366 -12.19 21.28 -13.22
C LYS A 366 -10.73 21.56 -12.89
N THR A 367 -10.44 21.90 -11.64
CA THR A 367 -9.09 22.21 -11.22
C THR A 367 -8.17 21.00 -11.31
N ILE A 368 -8.73 19.80 -11.32
CA ILE A 368 -7.96 18.56 -11.45
C ILE A 368 -7.89 18.09 -12.89
N TRP A 369 -9.03 18.01 -13.57
CA TRP A 369 -9.14 17.31 -14.84
C TRP A 369 -9.11 18.24 -16.04
N GLY A 370 -9.10 19.55 -15.82
CA GLY A 370 -9.18 20.49 -16.92
C GLY A 370 -10.60 20.90 -17.21
N ASP A 371 -10.78 21.56 -18.36
CA ASP A 371 -12.08 22.10 -18.70
C ASP A 371 -13.02 21.03 -19.25
N ASP A 372 -12.48 19.98 -19.87
CA ASP A 372 -13.26 18.96 -20.57
C ASP A 372 -13.71 17.81 -19.68
N VAL A 373 -14.15 18.07 -18.44
CA VAL A 373 -14.42 16.97 -17.51
C VAL A 373 -15.53 16.07 -18.01
N GLU A 374 -16.46 16.60 -18.81
CA GLU A 374 -17.58 15.80 -19.29
C GLU A 374 -17.21 14.93 -20.49
N GLU A 375 -16.07 15.17 -21.12
CA GLU A 375 -15.64 14.35 -22.24
C GLU A 375 -15.10 13.03 -21.73
N PHE A 376 -15.37 11.96 -22.48
CA PHE A 376 -14.86 10.63 -22.16
C PHE A 376 -13.50 10.50 -22.83
N ARG A 377 -12.44 10.57 -22.03
CA ARG A 377 -11.09 10.60 -22.57
C ARG A 377 -10.23 9.66 -21.74
N PRO A 378 -10.13 8.38 -22.13
CA PRO A 378 -9.30 7.44 -21.34
C PRO A 378 -7.86 7.87 -21.24
N GLU A 379 -7.34 8.58 -22.25
CA GLU A 379 -5.99 9.11 -22.22
C GLU A 379 -5.71 9.95 -20.97
N ARG A 380 -6.74 10.44 -20.27
CA ARG A 380 -6.51 11.06 -18.96
C ARG A 380 -5.75 10.13 -18.03
N PHE A 381 -5.81 8.83 -18.28
CA PHE A 381 -5.24 7.82 -17.41
C PHE A 381 -4.03 7.13 -18.05
N GLU A 382 -3.48 7.70 -19.13
CA GLU A 382 -2.25 7.19 -19.70
C GLU A 382 -1.19 6.98 -18.62
N ASN A 383 -0.93 8.02 -17.83
CA ASN A 383 -0.03 7.90 -16.68
C ASN A 383 -0.85 8.15 -15.42
N PRO A 384 -1.32 7.09 -14.75
CA PRO A 384 -2.10 7.29 -13.51
C PRO A 384 -1.38 8.09 -12.45
N SER A 385 -0.04 8.05 -12.44
CA SER A 385 0.73 8.80 -11.45
C SER A 385 0.44 10.29 -11.53
N ALA A 386 0.02 10.79 -12.71
CA ALA A 386 -0.17 12.22 -12.87
C ALA A 386 -1.38 12.73 -12.10
N ILE A 387 -2.35 11.86 -11.84
CA ILE A 387 -3.56 12.23 -11.11
C ILE A 387 -3.20 12.59 -9.67
N PRO A 388 -3.54 13.78 -9.20
CA PRO A 388 -3.23 14.15 -7.81
C PRO A 388 -3.92 13.21 -6.82
N GLN A 389 -3.41 13.22 -5.60
CA GLN A 389 -3.93 12.33 -4.57
C GLN A 389 -5.39 12.69 -4.28
N HIS A 390 -6.21 11.65 -4.14
CA HIS A 390 -7.62 11.75 -3.78
C HIS A 390 -8.43 12.51 -4.82
N ALA A 391 -7.93 12.59 -6.05
CA ALA A 391 -8.68 13.18 -7.15
C ALA A 391 -9.60 12.18 -7.82
N PHE A 392 -9.25 10.90 -7.75
CA PHE A 392 -9.94 9.83 -8.44
C PHE A 392 -10.22 8.77 -7.39
N LYS A 393 -11.46 8.75 -6.89
CA LYS A 393 -11.79 7.87 -5.77
C LYS A 393 -12.97 6.95 -6.07
N PRO A 394 -13.04 6.30 -7.24
CA PRO A 394 -14.19 5.44 -7.51
C PRO A 394 -14.28 4.25 -6.57
N PHE A 395 -13.20 3.93 -5.87
CA PHE A 395 -13.16 2.78 -4.98
C PHE A 395 -13.04 3.19 -3.52
N GLY A 396 -13.44 4.42 -3.19
CA GLY A 396 -13.39 4.85 -1.81
C GLY A 396 -11.99 5.23 -1.39
N ASN A 397 -11.75 5.18 -0.09
CA ASN A 397 -10.52 5.77 0.42
C ASN A 397 -9.88 4.89 1.48
N GLY A 398 -8.55 4.87 1.47
CA GLY A 398 -7.73 4.34 2.53
C GLY A 398 -8.04 2.89 2.82
N GLN A 399 -7.90 2.52 4.10
CA GLN A 399 -8.16 1.14 4.49
C GLN A 399 -9.60 0.74 4.25
N ARG A 400 -10.52 1.70 4.15
CA ARG A 400 -11.91 1.43 3.82
C ARG A 400 -12.17 1.52 2.32
N ALA A 401 -11.13 1.52 1.51
CA ALA A 401 -11.33 1.51 0.07
C ALA A 401 -11.90 0.17 -0.37
N CYS A 402 -12.35 0.12 -1.61
CA CYS A 402 -12.91 -1.11 -2.17
C CYS A 402 -11.90 -2.23 -2.10
N ILE A 403 -12.18 -3.25 -1.29
CA ILE A 403 -11.30 -4.41 -1.24
C ILE A 403 -11.29 -5.13 -2.58
N GLY A 404 -12.38 -5.06 -3.33
CA GLY A 404 -12.52 -5.74 -4.59
C GLY A 404 -12.13 -4.92 -5.80
N GLN A 405 -11.44 -3.80 -5.61
CA GLN A 405 -11.08 -2.94 -6.73
C GLN A 405 -10.35 -3.74 -7.82
N GLN A 406 -9.30 -4.47 -7.43
CA GLN A 406 -8.55 -5.25 -8.40
C GLN A 406 -9.40 -6.36 -8.99
N PHE A 407 -10.28 -6.95 -8.18
CA PHE A 407 -11.24 -7.93 -8.70
C PHE A 407 -12.11 -7.30 -9.78
N ALA A 408 -12.80 -6.20 -9.44
CA ALA A 408 -13.67 -5.53 -10.40
C ALA A 408 -12.91 -5.14 -11.66
N LEU A 409 -11.73 -4.57 -11.50
CA LEU A 409 -11.00 -4.06 -12.67
C LEU A 409 -10.47 -5.19 -13.54
N HIS A 410 -9.96 -6.26 -12.94
CA HIS A 410 -9.51 -7.40 -13.73
C HIS A 410 -10.69 -8.01 -14.49
N GLU A 411 -11.80 -8.25 -13.78
CA GLU A 411 -12.99 -8.78 -14.44
C GLU A 411 -13.45 -7.89 -15.56
N ALA A 412 -13.61 -6.59 -15.28
CA ALA A 412 -14.12 -5.67 -16.29
C ALA A 412 -13.17 -5.54 -17.47
N THR A 413 -11.85 -5.50 -17.21
CA THR A 413 -10.89 -5.43 -18.30
C THR A 413 -10.92 -6.68 -19.15
N LEU A 414 -10.93 -7.85 -18.50
CA LEU A 414 -11.03 -9.11 -19.23
C LEU A 414 -12.29 -9.14 -20.06
N VAL A 415 -13.43 -8.83 -19.44
CA VAL A 415 -14.71 -8.92 -20.13
C VAL A 415 -14.80 -7.89 -21.24
N LEU A 416 -14.47 -6.63 -20.93
CA LEU A 416 -14.49 -5.60 -21.96
C LEU A 416 -13.49 -5.93 -23.07
N GLY A 417 -12.30 -6.41 -22.70
CA GLY A 417 -11.33 -6.81 -23.71
C GLY A 417 -11.88 -7.85 -24.67
N MET A 418 -12.52 -8.88 -24.13
CA MET A 418 -13.09 -9.92 -25.00
C MET A 418 -14.24 -9.36 -25.83
N MET A 419 -15.07 -8.50 -25.25
CA MET A 419 -16.15 -7.88 -26.00
C MET A 419 -15.60 -7.13 -27.19
N LEU A 420 -14.53 -6.36 -26.99
CA LEU A 420 -13.96 -5.58 -28.08
C LEU A 420 -13.23 -6.46 -29.08
N LYS A 421 -12.69 -7.58 -28.60
CA LYS A 421 -12.03 -8.51 -29.51
C LYS A 421 -13.03 -9.18 -30.44
N HIS A 422 -14.21 -9.53 -29.94
CA HIS A 422 -15.09 -10.44 -30.65
C HIS A 422 -16.23 -9.76 -31.38
N PHE A 423 -16.51 -8.50 -31.09
CA PHE A 423 -17.68 -7.85 -31.67
C PHE A 423 -17.37 -6.41 -32.04
N ASP A 424 -17.90 -5.99 -33.19
CA ASP A 424 -18.14 -4.58 -33.43
C ASP A 424 -19.49 -4.21 -32.81
N PHE A 425 -19.53 -3.06 -32.17
CA PHE A 425 -20.72 -2.65 -31.44
C PHE A 425 -21.40 -1.47 -32.12
N GLU A 426 -22.72 -1.48 -32.11
CA GLU A 426 -23.52 -0.44 -32.73
C GLU A 426 -24.48 0.15 -31.71
N ASP A 427 -24.42 1.47 -31.55
CA ASP A 427 -25.41 2.21 -30.77
C ASP A 427 -26.65 2.42 -31.65
N HIS A 428 -27.32 1.30 -31.94
CA HIS A 428 -28.36 1.29 -32.97
C HIS A 428 -29.57 2.14 -32.60
N THR A 429 -29.79 2.39 -31.31
CA THR A 429 -30.88 3.27 -30.90
C THR A 429 -30.43 4.71 -30.68
N ASN A 430 -29.16 5.01 -30.91
CA ASN A 430 -28.57 6.28 -30.47
C ASN A 430 -28.97 6.54 -29.03
N TYR A 431 -28.61 5.58 -28.18
CA TYR A 431 -29.12 5.55 -26.82
C TYR A 431 -28.83 6.84 -26.07
N GLU A 432 -29.88 7.43 -25.51
CA GLU A 432 -29.75 8.62 -24.68
C GLU A 432 -29.48 8.17 -23.25
N LEU A 433 -28.35 8.59 -22.71
CA LEU A 433 -27.95 8.17 -21.36
C LEU A 433 -29.06 8.45 -20.36
N ASP A 434 -29.57 7.38 -19.76
CA ASP A 434 -30.56 7.45 -18.69
C ASP A 434 -29.98 6.65 -17.54
N ILE A 435 -29.53 7.34 -16.50
CA ILE A 435 -28.80 6.70 -15.42
C ILE A 435 -29.79 6.32 -14.33
N LYS A 436 -30.06 5.02 -14.23
CA LYS A 436 -30.90 4.51 -13.16
C LYS A 436 -30.11 4.53 -11.86
N GLU A 437 -30.77 4.96 -10.80
CA GLU A 437 -30.12 5.06 -9.49
C GLU A 437 -30.80 4.10 -8.55
N THR A 438 -30.00 3.17 -8.02
CA THR A 438 -30.39 2.39 -6.86
C THR A 438 -29.50 2.90 -5.74
N LEU A 439 -28.77 2.00 -5.09
CA LEU A 439 -27.64 2.50 -4.34
C LEU A 439 -26.42 2.68 -5.24
N THR A 440 -26.52 2.21 -6.48
CA THR A 440 -25.48 2.32 -7.49
C THR A 440 -26.06 2.96 -8.73
N LEU A 441 -25.22 3.17 -9.74
CA LEU A 441 -25.61 3.81 -10.97
C LEU A 441 -25.44 2.83 -12.13
N LYS A 442 -26.36 2.88 -13.08
CA LYS A 442 -26.32 2.05 -14.27
C LYS A 442 -27.04 2.78 -15.39
N PRO A 443 -26.59 2.65 -16.62
CA PRO A 443 -27.32 3.25 -17.74
C PRO A 443 -28.54 2.42 -18.12
N GLU A 444 -29.70 2.76 -17.56
CA GLU A 444 -30.91 1.99 -17.79
C GLU A 444 -31.31 1.99 -19.26
N GLY A 445 -31.79 0.84 -19.72
CA GLY A 445 -32.22 0.73 -21.10
C GLY A 445 -31.12 0.84 -22.13
N PHE A 446 -29.86 0.77 -21.72
CA PHE A 446 -28.76 0.86 -22.67
C PHE A 446 -28.69 -0.42 -23.49
N VAL A 447 -28.89 -0.31 -24.79
CA VAL A 447 -28.88 -1.46 -25.68
C VAL A 447 -27.93 -1.19 -26.83
N VAL A 448 -27.28 -2.25 -27.29
CA VAL A 448 -26.42 -2.21 -28.46
C VAL A 448 -26.70 -3.43 -29.31
N LYS A 449 -26.26 -3.37 -30.56
CA LYS A 449 -26.12 -4.53 -31.41
C LYS A 449 -24.65 -4.88 -31.50
N ALA A 450 -24.35 -6.17 -31.46
CA ALA A 450 -22.98 -6.64 -31.61
C ALA A 450 -22.90 -7.40 -32.93
N LYS A 451 -22.04 -6.92 -33.82
CA LYS A 451 -21.70 -7.68 -35.03
C LYS A 451 -20.49 -8.53 -34.68
N SER A 452 -20.70 -9.84 -34.61
CA SER A 452 -19.59 -10.74 -34.28
C SER A 452 -18.47 -10.58 -35.30
N LYS A 453 -17.25 -10.50 -34.79
CA LYS A 453 -16.09 -10.59 -35.66
C LYS A 453 -15.77 -12.02 -36.04
N LYS A 454 -16.59 -12.97 -35.57
CA LYS A 454 -16.47 -14.39 -35.92
C LYS A 454 -15.08 -14.93 -35.55
N ILE A 455 -14.57 -14.52 -34.40
CA ILE A 455 -13.33 -15.05 -33.84
C ILE A 455 -13.70 -16.13 -32.82
N PRO A 456 -13.34 -17.39 -33.04
CA PRO A 456 -13.75 -18.45 -32.12
C PRO A 456 -13.06 -18.32 -30.77
N LEU A 457 -13.57 -19.09 -29.80
CA LEU A 457 -13.04 -19.10 -28.45
C LEU A 457 -12.24 -20.35 -28.16
N LYS B 5 14.84 -29.24 -6.24
CA LYS B 5 15.76 -30.04 -5.46
C LYS B 5 17.20 -29.62 -5.72
N GLU B 6 17.66 -29.75 -6.96
CA GLU B 6 19.02 -29.34 -7.32
C GLU B 6 19.08 -27.81 -7.35
N MET B 7 19.81 -27.24 -6.41
CA MET B 7 19.80 -25.80 -6.21
C MET B 7 20.76 -25.09 -7.17
N PRO B 8 20.31 -24.07 -7.89
CA PRO B 8 21.22 -23.35 -8.79
C PRO B 8 22.37 -22.71 -8.02
N GLN B 9 23.50 -22.57 -8.71
CA GLN B 9 24.68 -21.94 -8.14
C GLN B 9 25.33 -21.08 -9.21
N PRO B 10 25.73 -19.85 -8.86
CA PRO B 10 26.39 -19.00 -9.87
C PRO B 10 27.79 -19.49 -10.18
N LYS B 11 28.45 -18.84 -11.13
CA LYS B 11 29.75 -19.32 -11.61
C LYS B 11 30.75 -19.39 -10.47
N THR B 12 31.61 -20.40 -10.53
CA THR B 12 32.63 -20.66 -9.52
C THR B 12 34.01 -20.30 -10.03
N PHE B 13 34.95 -20.20 -9.09
CA PHE B 13 36.32 -19.77 -9.37
C PHE B 13 37.31 -20.78 -8.79
N GLY B 14 37.18 -22.03 -9.24
CA GLY B 14 38.04 -23.07 -8.73
C GLY B 14 37.85 -23.23 -7.23
N GLU B 15 38.97 -23.28 -6.50
CA GLU B 15 38.92 -23.49 -5.06
C GLU B 15 38.24 -22.34 -4.34
N LEU B 16 38.18 -21.15 -4.96
CA LEU B 16 37.51 -20.02 -4.33
C LEU B 16 36.00 -20.11 -4.43
N LYS B 17 35.48 -21.06 -5.21
CA LYS B 17 34.03 -21.30 -5.36
C LYS B 17 33.39 -19.99 -5.82
N ASN B 18 32.35 -19.50 -5.15
CA ASN B 18 31.67 -18.29 -5.58
C ASN B 18 32.24 -17.03 -4.93
N LEU B 19 33.17 -17.15 -3.99
CA LEU B 19 33.63 -15.98 -3.25
C LEU B 19 34.07 -14.81 -4.12
N PRO B 20 34.82 -14.99 -5.21
CA PRO B 20 35.19 -13.82 -6.04
C PRO B 20 34.00 -13.07 -6.62
N LEU B 21 32.81 -13.68 -6.65
CA LEU B 21 31.62 -12.94 -7.08
C LEU B 21 31.34 -11.78 -6.14
N LEU B 22 31.75 -11.88 -4.88
CA LEU B 22 31.64 -10.77 -3.96
C LEU B 22 32.85 -9.85 -4.02
N ASN B 23 33.91 -10.25 -4.72
CA ASN B 23 35.07 -9.38 -4.93
C ASN B 23 34.73 -8.30 -5.97
N THR B 24 33.77 -7.46 -5.58
CA THR B 24 33.24 -6.40 -6.42
C THR B 24 32.73 -5.31 -5.49
N ASP B 25 32.67 -4.08 -6.02
CA ASP B 25 32.24 -2.97 -5.18
C ASP B 25 30.74 -2.93 -4.99
N LYS B 26 29.97 -3.67 -5.80
CA LYS B 26 28.52 -3.71 -5.69
C LYS B 26 28.06 -5.16 -5.52
N PRO B 27 28.34 -5.78 -4.37
CA PRO B 27 28.00 -7.20 -4.21
C PRO B 27 26.51 -7.47 -4.14
N VAL B 28 25.74 -6.61 -3.46
CA VAL B 28 24.30 -6.80 -3.40
C VAL B 28 23.70 -6.78 -4.79
N GLN B 29 24.04 -5.75 -5.58
CA GLN B 29 23.53 -5.67 -6.94
C GLN B 29 24.04 -6.82 -7.79
N ALA B 30 25.29 -7.24 -7.55
CA ALA B 30 25.79 -8.45 -8.19
C ALA B 30 24.96 -9.66 -7.79
N LEU B 31 24.62 -9.77 -6.49
CA LEU B 31 23.82 -10.88 -6.02
C LEU B 31 22.41 -10.81 -6.58
N MET B 32 21.86 -9.60 -6.73
CA MET B 32 20.54 -9.45 -7.33
C MET B 32 20.54 -9.91 -8.77
N LYS B 33 21.55 -9.51 -9.54
CA LYS B 33 21.67 -9.99 -10.92
C LYS B 33 21.80 -11.50 -10.97
N ILE B 34 22.55 -12.08 -10.03
CA ILE B 34 22.60 -13.53 -9.91
C ILE B 34 21.22 -14.08 -9.61
N ALA B 35 20.52 -13.44 -8.66
CA ALA B 35 19.16 -13.85 -8.36
C ALA B 35 18.25 -13.70 -9.58
N ASP B 36 18.49 -12.67 -10.40
CA ASP B 36 17.73 -12.54 -11.64
C ASP B 36 17.94 -13.75 -12.54
N GLU B 37 19.18 -14.24 -12.62
CA GLU B 37 19.45 -15.37 -13.50
C GLU B 37 19.01 -16.70 -12.89
N LEU B 38 19.29 -16.91 -11.60
CA LEU B 38 19.12 -18.23 -11.01
C LEU B 38 17.77 -18.42 -10.32
N GLY B 39 17.07 -17.35 -9.98
CA GLY B 39 15.75 -17.47 -9.42
C GLY B 39 15.72 -17.31 -7.91
N GLU B 40 14.67 -17.90 -7.32
CA GLU B 40 14.31 -17.63 -5.93
C GLU B 40 15.35 -18.10 -4.93
N ILE B 41 16.24 -18.99 -5.32
CA ILE B 41 17.23 -19.52 -4.39
C ILE B 41 18.45 -19.96 -5.19
N PHE B 42 19.62 -19.59 -4.70
CA PHE B 42 20.84 -20.17 -5.25
C PHE B 42 21.84 -20.40 -4.14
N LYS B 43 22.54 -21.50 -4.24
CA LYS B 43 23.61 -21.79 -3.30
C LYS B 43 24.79 -20.87 -3.58
N PHE B 44 25.39 -20.35 -2.51
CA PHE B 44 26.59 -19.53 -2.62
C PHE B 44 27.63 -20.19 -1.73
N GLU B 45 28.70 -20.66 -2.34
CA GLU B 45 29.78 -21.30 -1.62
C GLU B 45 31.01 -20.41 -1.64
N ALA B 46 31.70 -20.37 -0.51
CA ALA B 46 32.99 -19.74 -0.32
C ALA B 46 33.86 -20.74 0.41
N PRO B 47 35.18 -20.54 0.42
CA PRO B 47 36.03 -21.44 1.23
C PRO B 47 35.54 -21.56 2.66
N GLY B 48 35.16 -22.76 3.06
CA GLY B 48 34.71 -22.98 4.42
C GLY B 48 33.32 -22.46 4.74
N ARG B 49 32.52 -22.14 3.74
CA ARG B 49 31.18 -21.64 4.01
C ARG B 49 30.24 -21.90 2.85
N VAL B 50 29.01 -22.29 3.19
CA VAL B 50 27.92 -22.42 2.24
C VAL B 50 26.74 -21.63 2.78
N THR B 51 26.07 -20.89 1.89
CA THR B 51 24.83 -20.23 2.24
C THR B 51 23.90 -20.29 1.03
N ARG B 52 22.65 -19.90 1.25
CA ARG B 52 21.62 -19.91 0.22
C ARG B 52 20.97 -18.55 0.20
N TYR B 53 21.00 -17.89 -0.95
CA TYR B 53 20.39 -16.57 -1.09
C TYR B 53 18.94 -16.75 -1.52
N LEU B 54 18.03 -16.33 -0.67
CA LEU B 54 16.61 -16.40 -0.95
C LEU B 54 16.13 -15.07 -1.50
N SER B 55 15.28 -15.13 -2.51
CA SER B 55 14.81 -13.94 -3.21
C SER B 55 13.30 -13.89 -3.40
N SER B 56 12.58 -14.94 -3.08
CA SER B 56 11.13 -14.99 -3.26
C SER B 56 10.43 -14.92 -1.91
N GLN B 57 9.26 -14.27 -1.90
CA GLN B 57 8.44 -14.29 -0.70
C GLN B 57 8.04 -15.70 -0.32
N ARG B 58 7.87 -16.58 -1.32
CA ARG B 58 7.49 -17.96 -1.05
C ARG B 58 8.48 -18.64 -0.12
N LEU B 59 9.78 -18.52 -0.42
CA LEU B 59 10.78 -19.15 0.43
C LEU B 59 11.08 -18.33 1.66
N ILE B 60 11.08 -17.00 1.52
CA ILE B 60 11.50 -16.14 2.63
C ILE B 60 10.46 -16.14 3.74
N LYS B 61 9.17 -16.33 3.41
CA LYS B 61 8.17 -16.43 4.46
C LYS B 61 8.41 -17.64 5.35
N GLU B 62 8.92 -18.73 4.77
CA GLU B 62 9.32 -19.87 5.59
C GLU B 62 10.59 -19.55 6.37
N ALA B 63 11.57 -18.93 5.70
CA ALA B 63 12.79 -18.51 6.38
C ALA B 63 12.48 -17.59 7.54
N CYS B 64 11.40 -16.83 7.44
CA CYS B 64 10.98 -15.92 8.51
C CYS B 64 10.18 -16.62 9.59
N ASP B 65 9.96 -17.92 9.49
CA ASP B 65 9.36 -18.69 10.58
C ASP B 65 10.38 -18.83 11.69
N GLU B 66 10.19 -18.09 12.78
CA GLU B 66 11.16 -18.09 13.86
C GLU B 66 11.21 -19.41 14.62
N SER B 67 10.21 -20.27 14.45
CA SER B 67 10.29 -21.61 15.03
C SER B 67 11.20 -22.52 14.22
N ARG B 68 11.48 -22.17 12.97
CA ARG B 68 12.36 -22.94 12.12
C ARG B 68 13.72 -22.29 11.87
N PHE B 69 13.77 -20.96 11.84
CA PHE B 69 15.01 -20.25 11.53
C PHE B 69 15.21 -19.12 12.53
N ASP B 70 16.46 -18.95 12.93
CA ASP B 70 16.87 -17.87 13.81
C ASP B 70 17.86 -16.99 13.06
N LYS B 71 18.00 -15.76 13.52
CA LYS B 71 18.98 -14.86 12.91
C LYS B 71 20.36 -15.48 12.96
N ASN B 72 21.04 -15.50 11.82
CA ASN B 72 22.43 -15.88 11.75
C ASN B 72 23.29 -14.62 11.62
N LEU B 73 24.52 -14.71 12.13
CA LEU B 73 25.49 -13.66 11.90
C LEU B 73 26.18 -13.94 10.57
N SER B 74 25.81 -13.18 9.55
CA SER B 74 26.55 -13.20 8.30
C SER B 74 28.02 -12.84 8.56
N GLN B 75 28.87 -13.14 7.58
CA GLN B 75 30.27 -12.76 7.71
C GLN B 75 30.40 -11.25 7.88
N ALA B 76 29.52 -10.48 7.22
CA ALA B 76 29.48 -9.04 7.44
C ALA B 76 29.19 -8.73 8.91
N LEU B 77 28.15 -9.36 9.47
CA LEU B 77 27.80 -9.08 10.86
C LEU B 77 28.88 -9.56 11.82
N LYS B 78 29.49 -10.71 11.53
CA LYS B 78 30.56 -11.21 12.38
C LYS B 78 31.71 -10.22 12.47
N PHE B 79 32.00 -9.52 11.37
CA PHE B 79 33.08 -8.54 11.42
C PHE B 79 32.64 -7.24 12.09
N VAL B 80 31.35 -6.87 11.95
CA VAL B 80 30.84 -5.75 12.74
C VAL B 80 30.86 -6.10 14.21
N ARG B 81 30.67 -7.38 14.54
CA ARG B 81 30.78 -7.82 15.93
C ARG B 81 32.15 -7.53 16.52
N ASP B 82 33.18 -7.41 15.68
CA ASP B 82 34.51 -7.08 16.21
C ASP B 82 34.52 -5.75 16.95
N PHE B 83 33.59 -4.85 16.65
CA PHE B 83 33.47 -3.62 17.42
C PHE B 83 32.07 -3.35 17.95
N ALA B 84 31.03 -3.96 17.39
CA ALA B 84 29.70 -3.88 17.97
C ALA B 84 29.47 -4.93 19.05
N GLY B 85 30.40 -5.89 19.19
CA GLY B 85 30.33 -6.86 20.27
C GLY B 85 29.02 -7.61 20.28
N ASP B 86 28.53 -7.91 21.48
CA ASP B 86 27.19 -8.45 21.61
C ASP B 86 26.14 -7.35 21.73
N GLY B 87 26.33 -6.25 21.00
CA GLY B 87 25.24 -5.34 20.74
C GLY B 87 24.08 -6.06 20.07
N LEU B 88 22.93 -5.37 20.05
CA LEU B 88 21.70 -6.01 19.60
C LEU B 88 21.84 -6.58 18.19
N ALA B 89 22.55 -5.89 17.30
CA ALA B 89 22.56 -6.29 15.90
C ALA B 89 23.52 -7.44 15.63
N THR B 90 24.57 -7.57 16.43
CA THR B 90 25.62 -8.55 16.19
C THR B 90 25.65 -9.64 17.25
N SER B 91 24.60 -9.76 18.05
CA SER B 91 24.49 -10.82 19.03
C SER B 91 23.59 -11.92 18.52
N TRP B 92 23.86 -13.14 18.94
CA TRP B 92 22.96 -14.24 18.64
C TRP B 92 21.76 -14.17 19.55
N THR B 93 20.63 -14.67 19.06
CA THR B 93 19.39 -14.61 19.83
C THR B 93 19.51 -15.32 21.17
N HIS B 94 20.29 -16.40 21.21
CA HIS B 94 20.48 -17.20 22.41
C HIS B 94 21.54 -16.62 23.35
N GLU B 95 22.22 -15.55 22.94
CA GLU B 95 23.13 -14.88 23.85
C GLU B 95 22.32 -14.09 24.87
N LYS B 96 22.70 -14.24 26.14
CA LYS B 96 21.93 -13.61 27.22
C LYS B 96 21.78 -12.11 27.01
N ASN B 97 22.83 -11.47 26.49
CA ASN B 97 22.80 -10.02 26.32
C ASN B 97 21.87 -9.56 25.20
N TRP B 98 21.48 -10.43 24.26
CA TRP B 98 20.55 -9.96 23.23
C TRP B 98 19.18 -9.70 23.82
N LYS B 99 18.56 -10.73 24.41
CA LYS B 99 17.20 -10.55 24.94
C LYS B 99 17.21 -9.57 26.09
N LYS B 100 18.27 -9.59 26.90
CA LYS B 100 18.45 -8.60 27.95
C LYS B 100 18.38 -7.19 27.38
N ALA B 101 19.28 -6.87 26.45
CA ALA B 101 19.27 -5.56 25.84
C ALA B 101 17.97 -5.32 25.07
N HIS B 102 17.45 -6.36 24.41
CA HIS B 102 16.16 -6.25 23.73
C HIS B 102 15.07 -5.75 24.67
N ASN B 103 14.86 -6.47 25.77
CA ASN B 103 13.81 -6.10 26.71
C ASN B 103 14.08 -4.73 27.31
N ILE B 104 15.34 -4.42 27.55
CA ILE B 104 15.69 -3.13 28.14
C ILE B 104 15.45 -2.00 27.15
N LEU B 105 15.77 -2.23 25.87
CA LEU B 105 15.77 -1.17 24.88
C LEU B 105 14.49 -1.07 24.07
N LEU B 106 13.66 -2.12 24.07
CA LEU B 106 12.42 -2.05 23.29
C LEU B 106 11.50 -0.91 23.72
N PRO B 107 11.30 -0.63 25.01
CA PRO B 107 10.46 0.54 25.36
C PRO B 107 11.03 1.85 24.88
N SER B 108 12.36 1.96 24.73
CA SER B 108 12.95 3.19 24.24
C SER B 108 12.82 3.34 22.73
N PHE B 109 12.28 2.33 22.03
CA PHE B 109 12.05 2.42 20.60
C PHE B 109 10.59 2.25 20.23
N SER B 110 9.69 2.28 21.21
CA SER B 110 8.28 2.19 20.93
C SER B 110 7.81 3.43 20.17
N GLN B 111 6.66 3.28 19.51
CA GLN B 111 6.02 4.45 18.91
C GLN B 111 5.76 5.53 19.94
N GLN B 112 5.52 5.16 21.20
CA GLN B 112 5.33 6.15 22.24
C GLN B 112 6.65 6.81 22.64
N ALA B 113 7.77 6.10 22.49
CA ALA B 113 9.06 6.68 22.81
C ALA B 113 9.55 7.65 21.73
N MET B 114 9.03 7.53 20.51
CA MET B 114 9.35 8.51 19.47
C MET B 114 8.94 9.92 19.87
N LYS B 115 7.88 10.04 20.67
CA LYS B 115 7.45 11.36 21.12
C LYS B 115 8.57 12.08 21.87
N GLY B 116 9.32 11.34 22.69
CA GLY B 116 10.42 11.95 23.43
C GLY B 116 11.59 12.33 22.55
N TYR B 117 11.87 11.54 21.50
CA TYR B 117 12.95 11.85 20.59
C TYR B 117 12.61 12.95 19.60
N HIS B 118 11.31 13.25 19.42
CA HIS B 118 10.88 14.08 18.31
C HIS B 118 11.58 15.43 18.31
N ALA B 119 11.60 16.10 19.47
CA ALA B 119 12.18 17.44 19.54
C ALA B 119 13.63 17.43 19.08
N MET B 120 14.40 16.42 19.51
CA MET B 120 15.81 16.37 19.11
C MET B 120 15.96 15.97 17.65
N MET B 121 15.03 15.16 17.12
CA MET B 121 15.00 14.91 15.69
C MET B 121 14.75 16.21 14.92
N VAL B 122 13.79 17.02 15.39
CA VAL B 122 13.54 18.31 14.79
C VAL B 122 14.78 19.19 14.86
N ASP B 123 15.45 19.19 16.01
CA ASP B 123 16.67 19.97 16.18
C ASP B 123 17.63 19.73 15.02
N ILE B 124 17.86 18.47 14.67
CA ILE B 124 18.79 18.17 13.58
C ILE B 124 18.14 18.44 12.24
N ALA B 125 16.86 18.08 12.10
CA ALA B 125 16.15 18.34 10.85
C ALA B 125 16.14 19.82 10.52
N VAL B 126 15.93 20.68 11.53
CA VAL B 126 15.99 22.11 11.29
C VAL B 126 17.37 22.51 10.81
N GLN B 127 18.42 21.92 11.38
CA GLN B 127 19.77 22.21 10.92
C GLN B 127 19.95 21.85 9.46
N LEU B 128 19.40 20.71 9.03
CA LEU B 128 19.47 20.34 7.62
C LEU B 128 18.76 21.37 6.75
N VAL B 129 17.53 21.73 7.12
CA VAL B 129 16.77 22.70 6.33
C VAL B 129 17.47 24.04 6.32
N GLN B 130 18.04 24.44 7.46
CA GLN B 130 18.75 25.71 7.52
C GLN B 130 19.98 25.67 6.63
N LYS B 131 20.68 24.54 6.59
CA LYS B 131 21.82 24.42 5.68
C LYS B 131 21.41 24.66 4.23
N TRP B 132 20.30 24.08 3.82
CA TRP B 132 19.91 24.15 2.41
C TRP B 132 19.36 25.52 2.06
N GLU B 133 18.57 26.13 2.95
CA GLU B 133 18.09 27.48 2.69
C GLU B 133 19.22 28.50 2.73
N ARG B 134 20.37 28.13 3.29
CA ARG B 134 21.53 29.01 3.32
C ARG B 134 22.47 28.77 2.15
N LEU B 135 22.17 27.79 1.30
CA LEU B 135 22.96 27.60 0.09
C LEU B 135 22.73 28.77 -0.86
N ASN B 136 23.77 29.10 -1.62
CA ASN B 136 23.67 30.18 -2.58
C ASN B 136 23.11 29.64 -3.90
N ALA B 137 22.77 30.58 -4.79
CA ALA B 137 22.23 30.20 -6.10
C ALA B 137 23.21 29.27 -6.82
N ASP B 138 22.64 28.32 -7.57
CA ASP B 138 23.39 27.37 -8.39
C ASP B 138 24.19 26.37 -7.55
N GLU B 139 24.28 26.58 -6.24
CA GLU B 139 24.88 25.57 -5.38
C GLU B 139 23.95 24.38 -5.25
N HIS B 140 24.53 23.20 -5.09
CA HIS B 140 23.75 21.97 -5.07
C HIS B 140 23.93 21.25 -3.73
N ILE B 141 23.08 20.26 -3.51
CA ILE B 141 23.07 19.49 -2.28
C ILE B 141 23.70 18.13 -2.55
N GLU B 142 24.66 17.75 -1.72
CA GLU B 142 25.17 16.38 -1.74
C GLU B 142 24.28 15.57 -0.81
N VAL B 143 23.34 14.83 -1.39
CA VAL B 143 22.19 14.28 -0.67
C VAL B 143 22.64 13.23 0.35
N PRO B 144 23.28 12.12 -0.04
CA PRO B 144 23.67 11.14 0.99
C PRO B 144 24.60 11.72 2.04
N GLU B 145 25.47 12.64 1.63
CA GLU B 145 26.33 13.32 2.60
C GLU B 145 25.50 14.08 3.63
N ASP B 146 24.53 14.87 3.16
CA ASP B 146 23.70 15.64 4.10
C ASP B 146 22.75 14.74 4.88
N MET B 147 22.24 13.67 4.25
CA MET B 147 21.38 12.75 4.96
C MET B 147 22.15 12.02 6.05
N THR B 148 23.42 11.69 5.79
CA THR B 148 24.23 11.05 6.81
C THR B 148 24.55 12.01 7.94
N ARG B 149 24.87 13.27 7.60
CA ARG B 149 25.02 14.30 8.62
C ARG B 149 23.81 14.32 9.55
N LEU B 150 22.62 14.28 8.95
CA LEU B 150 21.40 14.37 9.74
C LEU B 150 21.19 13.10 10.58
N THR B 151 21.25 11.93 9.94
CA THR B 151 20.93 10.70 10.66
C THR B 151 21.95 10.41 11.75
N LEU B 152 23.23 10.66 11.47
CA LEU B 152 24.25 10.50 12.50
C LEU B 152 23.99 11.43 13.68
N ASP B 153 23.73 12.71 13.39
CA ASP B 153 23.48 13.65 14.47
C ASP B 153 22.18 13.32 15.20
N THR B 154 21.18 12.84 14.48
CA THR B 154 19.90 12.54 15.11
C THR B 154 20.05 11.38 16.09
N ILE B 155 20.73 10.32 15.69
CA ILE B 155 20.91 9.19 16.62
C ILE B 155 21.87 9.57 17.74
N GLY B 156 22.90 10.35 17.42
CA GLY B 156 23.78 10.84 18.47
C GLY B 156 23.04 11.67 19.49
N LEU B 157 22.19 12.59 19.02
CA LEU B 157 21.44 13.45 19.91
C LEU B 157 20.32 12.68 20.62
N CYS B 158 19.50 11.97 19.84
CA CYS B 158 18.39 11.23 20.44
C CYS B 158 18.87 10.03 21.24
N GLY B 159 20.01 9.44 20.86
CA GLY B 159 20.47 8.24 21.52
C GLY B 159 21.27 8.48 22.79
N PHE B 160 22.24 9.41 22.78
CA PHE B 160 22.99 9.64 24.01
C PHE B 160 23.34 11.12 24.18
N ASN B 161 22.46 12.01 23.71
CA ASN B 161 22.59 13.46 23.91
C ASN B 161 23.98 13.95 23.56
N TYR B 162 24.55 13.39 22.49
CA TYR B 162 25.83 13.81 21.97
C TYR B 162 25.60 14.48 20.62
N ARG B 163 26.23 15.62 20.43
CA ARG B 163 26.08 16.39 19.19
C ARG B 163 27.32 16.17 18.36
N PHE B 164 27.19 15.34 17.32
CA PHE B 164 28.28 15.18 16.37
C PHE B 164 28.51 16.45 15.57
N ASN B 165 27.51 17.34 15.52
CA ASN B 165 27.63 18.63 14.84
C ASN B 165 28.13 18.44 13.42
N SER B 166 27.56 17.45 12.72
CA SER B 166 28.03 17.11 11.39
C SER B 166 27.78 18.25 10.40
N PHE B 167 26.77 19.07 10.66
CA PHE B 167 26.50 20.21 9.79
C PHE B 167 27.44 21.37 10.05
N TYR B 168 28.36 21.23 11.00
CA TYR B 168 29.44 22.19 11.20
C TYR B 168 30.75 21.70 10.62
N ARG B 169 30.72 20.59 9.89
CA ARG B 169 31.91 19.95 9.37
C ARG B 169 31.76 19.64 7.89
N ASP B 170 32.89 19.57 7.20
CA ASP B 170 33.00 18.86 5.93
C ASP B 170 33.71 17.52 6.09
N GLN B 171 34.79 17.49 6.87
CA GLN B 171 35.38 16.22 7.28
C GLN B 171 34.60 15.68 8.46
N PRO B 172 34.08 14.45 8.39
CA PRO B 172 33.16 13.95 9.42
C PRO B 172 33.85 13.79 10.76
N HIS B 173 33.01 13.64 11.79
CA HIS B 173 33.50 13.47 13.15
C HIS B 173 34.48 12.30 13.20
N PRO B 174 35.60 12.43 13.93
CA PRO B 174 36.58 11.32 13.99
C PRO B 174 35.96 9.97 14.28
N PHE B 175 34.92 9.90 15.10
CA PHE B 175 34.21 8.65 15.31
C PHE B 175 33.64 8.12 14.00
N ILE B 176 32.96 8.98 13.24
CA ILE B 176 32.35 8.55 11.99
C ILE B 176 33.42 8.07 11.01
N THR B 177 34.52 8.81 10.91
CA THR B 177 35.58 8.44 9.97
C THR B 177 36.22 7.11 10.36
N SER B 178 36.43 6.88 11.66
CA SER B 178 36.91 5.58 12.11
C SER B 178 35.87 4.49 11.91
N MET B 179 34.61 4.79 12.23
CA MET B 179 33.54 3.80 12.08
C MET B 179 33.42 3.32 10.64
N VAL B 180 33.40 4.26 9.69
CA VAL B 180 33.29 3.90 8.28
C VAL B 180 34.52 3.10 7.85
N ARG B 181 35.70 3.55 8.27
CA ARG B 181 36.93 2.83 7.93
C ARG B 181 36.92 1.43 8.51
N ALA B 182 36.41 1.27 9.73
CA ALA B 182 36.23 -0.06 10.31
C ALA B 182 35.24 -0.87 9.49
N LEU B 183 34.03 -0.33 9.29
CA LEU B 183 33.03 -0.99 8.46
C LEU B 183 33.58 -1.35 7.09
N ASP B 184 34.33 -0.44 6.47
CA ASP B 184 35.00 -0.76 5.21
C ASP B 184 35.92 -1.96 5.36
N GLU B 185 36.79 -1.91 6.38
CA GLU B 185 37.65 -3.05 6.66
C GLU B 185 36.83 -4.29 6.98
N ALA B 186 35.71 -4.13 7.68
CA ALA B 186 34.81 -5.25 7.92
C ALA B 186 34.31 -5.85 6.61
N MET B 187 34.00 -5.00 5.62
CA MET B 187 33.55 -5.50 4.33
C MET B 187 34.71 -6.07 3.50
N ASN B 188 35.89 -5.45 3.58
CA ASN B 188 37.00 -5.89 2.74
C ASN B 188 37.42 -7.32 3.09
N LYS B 189 37.35 -7.69 4.36
CA LYS B 189 37.74 -9.05 4.76
C LYS B 189 36.74 -10.09 4.28
N LEU B 190 35.51 -9.68 3.92
CA LEU B 190 34.55 -10.62 3.34
C LEU B 190 35.03 -11.13 1.99
N GLN B 191 35.57 -10.23 1.17
CA GLN B 191 36.00 -10.51 -0.19
C GLN B 191 37.51 -10.59 -0.32
N ARG B 192 38.20 -10.86 0.79
CA ARG B 192 39.64 -10.80 0.84
C ARG B 192 40.28 -12.17 0.64
N TYR B 200 48.50 -7.27 5.61
CA TYR B 200 47.32 -6.60 6.17
C TYR B 200 47.53 -6.14 7.61
N ASP B 201 48.76 -6.22 8.14
CA ASP B 201 49.02 -5.72 9.48
C ASP B 201 48.73 -4.23 9.59
N GLU B 202 48.89 -3.49 8.50
CA GLU B 202 48.50 -2.08 8.51
C GLU B 202 46.99 -1.93 8.62
N ASN B 203 46.25 -2.78 7.91
CA ASN B 203 44.80 -2.76 8.01
C ASN B 203 44.34 -3.14 9.41
N LYS B 204 44.95 -4.17 9.99
CA LYS B 204 44.52 -4.66 11.30
C LYS B 204 44.83 -3.65 12.40
N ARG B 205 46.04 -3.09 12.40
CA ARG B 205 46.39 -2.07 13.38
C ARG B 205 45.48 -0.85 13.23
N GLN B 206 45.22 -0.44 11.99
CA GLN B 206 44.26 0.63 11.74
C GLN B 206 42.88 0.26 12.24
N PHE B 207 42.49 -1.01 12.06
CA PHE B 207 41.20 -1.48 12.54
C PHE B 207 41.10 -1.36 14.06
N GLN B 208 42.11 -1.86 14.77
CA GLN B 208 42.12 -1.73 16.23
C GLN B 208 42.20 -0.26 16.64
N GLU B 209 42.96 0.55 15.91
CA GLU B 209 43.02 1.98 16.20
C GLU B 209 41.66 2.63 15.96
N ASP B 210 40.98 2.23 14.89
CA ASP B 210 39.63 2.75 14.64
C ASP B 210 38.66 2.24 15.70
N ILE B 211 38.84 1.00 16.15
CA ILE B 211 38.05 0.49 17.27
C ILE B 211 38.27 1.36 18.51
N LYS B 212 39.52 1.69 18.80
CA LYS B 212 39.82 2.51 19.98
C LYS B 212 39.20 3.89 19.84
N VAL B 213 39.25 4.49 18.65
CA VAL B 213 38.64 5.80 18.44
C VAL B 213 37.15 5.75 18.72
N MET B 214 36.48 4.72 18.21
CA MET B 214 35.05 4.56 18.49
C MET B 214 34.81 4.29 19.97
N ASN B 215 35.53 3.32 20.52
CA ASN B 215 35.26 2.88 21.89
C ASN B 215 35.61 3.96 22.91
N ASP B 216 36.68 4.72 22.67
CA ASP B 216 37.08 5.73 23.65
C ASP B 216 36.01 6.81 23.78
N LEU B 217 35.51 7.31 22.64
CA LEU B 217 34.38 8.23 22.66
C LEU B 217 33.20 7.64 23.45
N VAL B 218 32.71 6.49 23.00
CA VAL B 218 31.58 5.83 23.65
C VAL B 218 31.85 5.65 25.13
N ASP B 219 32.94 4.95 25.47
CA ASP B 219 33.25 4.65 26.87
C ASP B 219 33.36 5.92 27.71
N LYS B 220 33.91 6.99 27.13
CA LYS B 220 33.96 8.27 27.82
C LYS B 220 32.56 8.75 28.19
N ILE B 221 31.65 8.77 27.22
CA ILE B 221 30.33 9.35 27.45
C ILE B 221 29.53 8.53 28.46
N ILE B 222 29.72 7.21 28.48
CA ILE B 222 29.05 6.40 29.50
C ILE B 222 29.48 6.85 30.89
N ALA B 223 30.78 6.97 31.11
CA ALA B 223 31.29 7.44 32.40
C ALA B 223 30.88 8.88 32.68
N ASP B 224 30.82 9.72 31.65
CA ASP B 224 30.45 11.12 31.84
C ASP B 224 29.05 11.24 32.42
N ARG B 225 28.09 10.54 31.83
CA ARG B 225 26.70 10.60 32.34
C ARG B 225 26.64 9.88 33.68
N GLN B 231 20.05 12.76 33.72
CA GLN B 231 18.88 12.21 33.05
C GLN B 231 18.50 13.01 31.81
N SER B 232 18.85 12.49 30.64
CA SER B 232 18.34 13.01 29.38
C SER B 232 17.25 12.08 28.86
N ASP B 233 16.53 12.55 27.85
CA ASP B 233 15.50 11.72 27.22
C ASP B 233 16.11 10.98 26.03
N ASP B 234 16.98 10.02 26.34
CA ASP B 234 17.76 9.35 25.31
C ASP B 234 17.93 7.87 25.60
N LEU B 235 18.50 7.18 24.62
CA LEU B 235 18.74 5.74 24.72
C LEU B 235 19.72 5.42 25.84
N LEU B 236 20.72 6.29 26.04
CA LEU B 236 21.74 6.02 27.04
C LEU B 236 21.16 5.98 28.44
N THR B 237 20.23 6.89 28.73
CA THR B 237 19.56 6.89 30.02
C THR B 237 18.89 5.55 30.28
N HIS B 238 18.07 5.09 29.32
CA HIS B 238 17.44 3.78 29.45
C HIS B 238 18.48 2.67 29.55
N MET B 239 19.61 2.81 28.84
CA MET B 239 20.66 1.80 28.93
C MET B 239 21.31 1.80 30.30
N LEU B 240 21.52 3.00 30.88
CA LEU B 240 22.22 3.09 32.15
C LEU B 240 21.32 2.65 33.31
N ASN B 241 20.02 2.90 33.22
CA ASN B 241 19.11 2.64 34.32
C ASN B 241 18.10 1.53 34.03
N GLY B 242 17.95 1.12 32.77
CA GLY B 242 16.98 0.09 32.45
C GLY B 242 17.41 -1.25 33.01
N LYS B 243 16.44 -1.97 33.55
CA LYS B 243 16.64 -3.31 34.07
C LYS B 243 15.80 -4.25 33.23
N ASP B 244 16.40 -5.33 32.76
CA ASP B 244 15.66 -6.33 31.99
C ASP B 244 14.57 -6.95 32.87
N PRO B 245 13.30 -6.87 32.51
CA PRO B 245 12.25 -7.46 33.35
C PRO B 245 12.43 -8.95 33.58
N GLU B 246 13.04 -9.65 32.62
CA GLU B 246 13.26 -11.09 32.75
C GLU B 246 14.28 -11.39 33.84
N THR B 247 15.54 -11.06 33.58
CA THR B 247 16.63 -11.36 34.51
C THR B 247 16.71 -10.39 35.67
N GLY B 248 15.99 -9.26 35.60
CA GLY B 248 16.16 -8.22 36.60
C GLY B 248 17.45 -7.45 36.50
N GLU B 249 18.29 -7.75 35.52
CA GLU B 249 19.62 -7.19 35.42
C GLU B 249 19.66 -5.99 34.49
N PRO B 250 20.46 -4.98 34.81
CA PRO B 250 20.77 -3.95 33.84
C PRO B 250 21.87 -4.41 32.90
N LEU B 251 22.00 -3.71 31.78
CA LEU B 251 23.14 -3.94 30.92
C LEU B 251 24.41 -3.56 31.65
N ASP B 252 25.43 -4.40 31.53
CA ASP B 252 26.73 -3.99 32.06
C ASP B 252 27.36 -2.96 31.13
N ASP B 253 28.41 -2.32 31.62
CA ASP B 253 28.97 -1.18 30.91
C ASP B 253 29.58 -1.58 29.57
N GLU B 254 30.16 -2.79 29.50
CA GLU B 254 30.74 -3.24 28.23
C GLU B 254 29.67 -3.46 27.18
N ASN B 255 28.49 -3.94 27.59
CA ASN B 255 27.43 -4.09 26.61
C ASN B 255 26.80 -2.75 26.25
N ILE B 256 26.72 -1.83 27.22
CA ILE B 256 26.20 -0.50 26.91
C ILE B 256 27.05 0.17 25.84
N ARG B 257 28.38 0.08 25.94
CA ARG B 257 29.23 0.64 24.90
C ARG B 257 28.99 -0.06 23.56
N TYR B 258 28.82 -1.39 23.59
CA TYR B 258 28.51 -2.10 22.36
C TYR B 258 27.17 -1.64 21.76
N GLN B 259 26.18 -1.41 22.62
CA GLN B 259 24.89 -0.92 22.12
C GLN B 259 25.02 0.48 21.51
N ILE B 260 25.77 1.36 22.18
CA ILE B 260 25.98 2.70 21.63
C ILE B 260 26.66 2.61 20.28
N ILE B 261 27.77 1.86 20.21
CA ILE B 261 28.42 1.61 18.93
C ILE B 261 27.41 1.03 17.94
N THR B 262 26.63 0.05 18.39
CA THR B 262 25.59 -0.53 17.54
C THR B 262 24.64 0.54 17.05
N PHE B 263 24.09 1.34 17.97
CA PHE B 263 23.09 2.33 17.59
C PHE B 263 23.69 3.43 16.73
N LEU B 264 24.96 3.76 16.93
CA LEU B 264 25.56 4.78 16.06
C LEU B 264 25.67 4.27 14.63
N ILE B 265 26.19 3.05 14.45
CA ILE B 265 26.20 2.44 13.13
C ILE B 265 24.78 2.22 12.63
N ALA B 266 24.04 1.36 13.33
CA ALA B 266 22.71 0.95 12.87
C ALA B 266 21.72 2.10 12.89
N GLY B 267 22.01 3.18 13.60
CA GLY B 267 21.08 4.29 13.71
C GLY B 267 21.17 5.31 12.61
N HIS B 268 22.27 5.36 11.86
CA HIS B 268 22.45 6.45 10.90
C HIS B 268 22.49 5.98 9.45
N GLU B 269 23.32 4.99 9.10
CA GLU B 269 23.64 4.81 7.67
C GLU B 269 22.48 4.22 6.90
N THR B 270 21.78 3.23 7.46
CA THR B 270 20.58 2.72 6.80
C THR B 270 19.51 3.79 6.69
N THR B 271 19.38 4.65 7.70
CA THR B 271 18.38 5.71 7.63
C THR B 271 18.77 6.77 6.60
N SER B 272 20.05 7.14 6.54
CA SER B 272 20.47 8.13 5.56
C SER B 272 20.31 7.60 4.14
N GLY B 273 20.63 6.32 3.93
CA GLY B 273 20.36 5.71 2.64
C GLY B 273 18.89 5.77 2.27
N LEU B 274 18.01 5.45 3.22
CA LEU B 274 16.58 5.55 2.96
C LEU B 274 16.20 6.95 2.50
N LEU B 275 16.57 7.97 3.27
CA LEU B 275 16.28 9.35 2.87
C LEU B 275 16.92 9.68 1.53
N SER B 276 18.14 9.21 1.29
CA SER B 276 18.82 9.50 0.04
C SER B 276 18.10 8.83 -1.13
N PHE B 277 17.75 7.55 -0.98
CA PHE B 277 16.99 6.86 -2.01
C PHE B 277 15.61 7.47 -2.17
N ALA B 278 14.96 7.80 -1.06
CA ALA B 278 13.63 8.43 -1.13
C ALA B 278 13.68 9.69 -1.98
N LEU B 279 14.60 10.61 -1.66
CA LEU B 279 14.70 11.84 -2.44
C LEU B 279 15.06 11.55 -3.88
N TYR B 280 15.97 10.59 -4.11
CA TYR B 280 16.27 10.19 -5.49
C TYR B 280 15.01 9.77 -6.23
N PHE B 281 14.23 8.86 -5.65
CA PHE B 281 13.03 8.41 -6.33
C PHE B 281 12.00 9.53 -6.45
N LEU B 282 11.97 10.45 -5.50
CA LEU B 282 11.03 11.57 -5.60
C LEU B 282 11.39 12.47 -6.77
N VAL B 283 12.67 12.86 -6.88
CA VAL B 283 13.06 13.73 -7.99
C VAL B 283 13.01 12.99 -9.32
N LYS B 284 13.10 11.65 -9.31
CA LYS B 284 12.94 10.88 -10.54
C LYS B 284 11.49 10.61 -10.89
N ASN B 285 10.57 10.89 -9.98
CA ASN B 285 9.14 10.66 -10.19
C ASN B 285 8.43 11.92 -9.75
N PRO B 286 8.46 12.98 -10.59
CA PRO B 286 7.89 14.26 -10.16
C PRO B 286 6.45 14.19 -9.70
N HIS B 287 5.64 13.30 -10.29
CA HIS B 287 4.26 13.16 -9.84
C HIS B 287 4.21 12.65 -8.41
N VAL B 288 5.07 11.70 -8.07
CA VAL B 288 5.15 11.22 -6.70
C VAL B 288 5.64 12.33 -5.78
N LEU B 289 6.67 13.06 -6.20
CA LEU B 289 7.17 14.18 -5.39
C LEU B 289 6.05 15.18 -5.16
N GLN B 290 5.27 15.49 -6.20
CA GLN B 290 4.18 16.44 -6.05
C GLN B 290 3.19 15.98 -4.99
N LYS B 291 2.82 14.69 -5.01
CA LYS B 291 1.93 14.18 -3.99
C LYS B 291 2.55 14.28 -2.60
N ALA B 292 3.83 13.90 -2.50
CA ALA B 292 4.51 13.97 -1.20
C ALA B 292 4.69 15.42 -0.75
N ALA B 293 5.11 16.31 -1.65
CA ALA B 293 5.30 17.70 -1.28
C ALA B 293 3.98 18.34 -0.85
N GLU B 294 2.91 18.03 -1.58
CA GLU B 294 1.62 18.64 -1.25
C GLU B 294 1.09 18.10 0.06
N GLU B 295 1.34 16.82 0.37
CA GLU B 295 0.99 16.31 1.69
C GLU B 295 1.80 17.02 2.77
N ALA B 296 3.10 17.17 2.55
CA ALA B 296 3.94 17.89 3.49
C ALA B 296 3.39 19.30 3.73
N ALA B 297 2.98 19.98 2.66
CA ALA B 297 2.42 21.33 2.80
C ALA B 297 1.10 21.31 3.57
N ARG B 298 0.24 20.34 3.29
CA ARG B 298 -1.07 20.32 3.94
C ARG B 298 -0.98 19.89 5.40
N VAL B 299 -0.01 19.04 5.74
CA VAL B 299 0.04 18.47 7.09
C VAL B 299 0.94 19.27 8.01
N LEU B 300 2.11 19.70 7.53
CA LEU B 300 3.08 20.41 8.36
C LEU B 300 2.80 21.91 8.35
N VAL B 301 1.63 22.26 8.90
CA VAL B 301 1.18 23.65 8.89
C VAL B 301 1.91 24.52 9.92
N ASP B 302 2.76 23.93 10.74
CA ASP B 302 3.49 24.68 11.74
C ASP B 302 4.95 24.82 11.34
N PRO B 303 5.65 25.87 11.80
CA PRO B 303 7.07 26.01 11.45
C PRO B 303 7.89 24.82 11.89
N VAL B 304 7.50 24.15 12.97
CA VAL B 304 8.15 22.96 13.47
C VAL B 304 7.13 21.84 13.47
N PRO B 305 7.40 20.73 12.78
CA PRO B 305 6.43 19.63 12.79
C PRO B 305 6.29 19.02 14.17
N SER B 306 5.05 18.73 14.53
CA SER B 306 4.82 17.98 15.76
C SER B 306 4.97 16.49 15.48
N TYR B 307 5.07 15.72 16.56
CA TYR B 307 5.08 14.27 16.44
C TYR B 307 3.84 13.79 15.71
N LYS B 308 2.67 14.32 16.09
CA LYS B 308 1.42 13.87 15.48
C LYS B 308 1.36 14.23 14.01
N GLN B 309 1.90 15.39 13.64
CA GLN B 309 1.94 15.77 12.23
C GLN B 309 2.80 14.82 11.41
N VAL B 310 3.93 14.38 11.97
CA VAL B 310 4.76 13.41 11.27
C VAL B 310 3.97 12.11 11.08
N LYS B 311 3.26 11.67 12.11
CA LYS B 311 2.40 10.50 11.99
C LYS B 311 1.32 10.69 10.94
N GLN B 312 0.91 11.93 10.69
CA GLN B 312 -0.11 12.24 9.70
C GLN B 312 0.43 12.23 8.27
N LEU B 313 1.75 12.24 8.09
CA LEU B 313 2.37 12.23 6.77
C LEU B 313 2.29 10.82 6.16
N LYS B 314 1.05 10.43 5.84
CA LYS B 314 0.82 9.08 5.34
C LYS B 314 1.58 8.82 4.05
N TYR B 315 1.47 9.74 3.08
CA TYR B 315 2.11 9.52 1.79
C TYR B 315 3.62 9.52 1.89
N VAL B 316 4.20 10.44 2.66
CA VAL B 316 5.65 10.45 2.86
C VAL B 316 6.11 9.10 3.38
N GLY B 317 5.39 8.53 4.34
CA GLY B 317 5.72 7.20 4.82
C GLY B 317 5.62 6.15 3.73
N MET B 318 4.62 6.28 2.86
CA MET B 318 4.50 5.37 1.72
C MET B 318 5.68 5.55 0.77
N VAL B 319 6.11 6.80 0.56
CA VAL B 319 7.29 7.06 -0.26
C VAL B 319 8.51 6.37 0.34
N LEU B 320 8.67 6.49 1.66
CA LEU B 320 9.80 5.84 2.33
C LEU B 320 9.71 4.33 2.23
N ASN B 321 8.52 3.77 2.44
CA ASN B 321 8.36 2.32 2.33
C ASN B 321 8.67 1.85 0.92
N GLU B 322 8.23 2.60 -0.09
CA GLU B 322 8.56 2.23 -1.46
C GLU B 322 10.05 2.36 -1.73
N ALA B 323 10.69 3.39 -1.17
CA ALA B 323 12.14 3.49 -1.28
C ALA B 323 12.80 2.29 -0.61
N LEU B 324 12.33 1.94 0.59
CA LEU B 324 12.81 0.73 1.26
C LEU B 324 12.49 -0.52 0.47
N ARG B 325 11.38 -0.51 -0.28
CA ARG B 325 11.10 -1.67 -1.12
C ARG B 325 12.16 -1.82 -2.20
N LEU B 326 12.39 -0.76 -2.98
CA LEU B 326 13.33 -0.88 -4.08
C LEU B 326 14.77 -1.05 -3.59
N TRP B 327 15.18 -0.26 -2.60
CA TRP B 327 16.55 -0.28 -2.13
C TRP B 327 16.59 -0.33 -0.62
N PRO B 328 16.24 -1.48 -0.03
CA PRO B 328 16.37 -1.64 1.41
C PRO B 328 17.83 -1.46 1.80
N THR B 329 18.07 -0.45 2.62
CA THR B 329 19.45 0.01 2.81
C THR B 329 20.25 -0.93 3.68
N ALA B 330 19.61 -1.80 4.45
CA ALA B 330 20.30 -2.96 4.99
C ALA B 330 19.83 -4.14 4.15
N PRO B 331 20.51 -4.40 3.02
CA PRO B 331 19.89 -5.18 1.94
C PRO B 331 19.81 -6.67 2.18
N ALA B 332 20.28 -7.18 3.30
CA ALA B 332 20.17 -8.61 3.53
C ALA B 332 20.20 -8.88 5.03
N PHE B 333 19.68 -10.05 5.40
CA PHE B 333 19.95 -10.60 6.71
C PHE B 333 20.12 -12.10 6.55
N SER B 334 20.75 -12.70 7.55
CA SER B 334 21.13 -14.10 7.49
C SER B 334 20.33 -14.90 8.50
N LEU B 335 20.03 -16.14 8.15
CA LEU B 335 19.31 -17.04 9.03
C LEU B 335 19.99 -18.40 9.02
N TYR B 336 19.77 -19.17 10.07
CA TYR B 336 20.20 -20.54 10.13
C TYR B 336 19.02 -21.38 10.57
N ALA B 337 18.92 -22.60 10.04
CA ALA B 337 17.85 -23.51 10.42
C ALA B 337 18.09 -23.99 11.83
N LYS B 338 17.11 -23.76 12.72
CA LYS B 338 17.25 -24.24 14.09
C LYS B 338 17.34 -25.75 14.13
N GLU B 339 16.57 -26.43 13.28
CA GLU B 339 16.61 -27.88 13.15
C GLU B 339 16.55 -28.24 11.67
N ASP B 340 16.77 -29.52 11.40
CA ASP B 340 16.50 -30.07 10.08
C ASP B 340 15.11 -29.66 9.63
N THR B 341 15.01 -29.16 8.40
CA THR B 341 13.75 -28.68 7.88
C THR B 341 13.84 -28.63 6.36
N VAL B 342 12.68 -28.63 5.72
CA VAL B 342 12.58 -28.61 4.26
C VAL B 342 12.06 -27.24 3.87
N LEU B 343 12.81 -26.54 3.03
CA LEU B 343 12.46 -25.20 2.60
C LEU B 343 11.69 -25.29 1.28
N GLY B 344 10.46 -24.77 1.28
CA GLY B 344 9.66 -24.78 0.08
C GLY B 344 9.27 -26.16 -0.40
N GLY B 345 9.27 -27.15 0.49
CA GLY B 345 8.92 -28.50 0.11
C GLY B 345 9.88 -29.17 -0.83
N GLU B 346 11.03 -28.57 -1.13
CA GLU B 346 11.89 -29.13 -2.16
C GLU B 346 13.39 -28.92 -1.85
N TYR B 347 13.70 -28.05 -0.89
CA TYR B 347 15.08 -27.75 -0.53
C TYR B 347 15.36 -28.19 0.90
N PRO B 348 15.87 -29.41 1.09
CA PRO B 348 16.14 -29.89 2.45
C PRO B 348 17.31 -29.13 3.06
N LEU B 349 17.12 -28.68 4.29
CA LEU B 349 18.15 -27.97 5.05
C LEU B 349 18.47 -28.76 6.31
N GLU B 350 19.75 -28.92 6.59
CA GLU B 350 20.18 -29.53 7.84
C GLU B 350 20.33 -28.47 8.92
N LYS B 351 20.28 -28.91 10.17
CA LYS B 351 20.46 -28.00 11.30
C LYS B 351 21.72 -27.15 11.12
N GLY B 352 21.56 -25.85 11.30
CA GLY B 352 22.66 -24.93 11.13
C GLY B 352 22.88 -24.45 9.72
N ASP B 353 22.13 -24.97 8.74
CA ASP B 353 22.27 -24.49 7.37
C ASP B 353 21.89 -23.03 7.29
N GLU B 354 22.68 -22.26 6.56
CA GLU B 354 22.55 -20.83 6.53
C GLU B 354 21.69 -20.38 5.36
N LEU B 355 20.92 -19.31 5.58
CA LEU B 355 20.17 -18.64 4.53
C LEU B 355 20.55 -17.18 4.53
N MET B 356 20.58 -16.60 3.34
CA MET B 356 20.64 -15.16 3.17
C MET B 356 19.33 -14.71 2.55
N VAL B 357 18.71 -13.70 3.15
CA VAL B 357 17.53 -13.08 2.56
C VAL B 357 18.01 -11.89 1.76
N LEU B 358 17.92 -11.99 0.44
CA LEU B 358 18.31 -10.92 -0.46
C LEU B 358 17.12 -9.97 -0.55
N ILE B 359 17.06 -9.02 0.40
CA ILE B 359 15.85 -8.19 0.53
C ILE B 359 15.50 -7.45 -0.75
N PRO B 360 16.43 -6.79 -1.47
CA PRO B 360 16.01 -6.06 -2.67
C PRO B 360 15.38 -6.96 -3.72
N GLN B 361 15.83 -8.21 -3.83
CA GLN B 361 15.20 -9.13 -4.77
C GLN B 361 13.85 -9.59 -4.26
N LEU B 362 13.77 -9.91 -2.96
CA LEU B 362 12.48 -10.20 -2.34
C LEU B 362 11.46 -9.12 -2.67
N HIS B 363 11.88 -7.87 -2.54
CA HIS B 363 11.03 -6.73 -2.84
C HIS B 363 10.81 -6.52 -4.33
N ARG B 364 11.44 -7.32 -5.19
CA ARG B 364 11.18 -7.31 -6.62
C ARG B 364 10.45 -8.57 -7.05
N ASP B 365 9.95 -9.35 -6.10
CA ASP B 365 9.25 -10.60 -6.38
C ASP B 365 8.02 -10.30 -7.20
N LYS B 366 8.03 -10.71 -8.47
CA LYS B 366 6.94 -10.40 -9.38
C LYS B 366 5.62 -11.00 -8.91
N THR B 367 5.68 -12.18 -8.29
CA THR B 367 4.47 -12.84 -7.81
C THR B 367 3.79 -12.09 -6.68
N ILE B 368 4.51 -11.23 -5.97
CA ILE B 368 3.91 -10.44 -4.89
C ILE B 368 3.47 -9.07 -5.38
N TRP B 369 4.36 -8.35 -6.06
CA TRP B 369 4.14 -6.94 -6.34
C TRP B 369 3.63 -6.67 -7.74
N GLY B 370 3.53 -7.69 -8.58
CA GLY B 370 3.18 -7.49 -9.97
C GLY B 370 4.39 -7.36 -10.85
N ASP B 371 4.14 -6.97 -12.10
CA ASP B 371 5.22 -6.88 -13.07
C ASP B 371 6.03 -5.59 -12.94
N ASP B 372 5.42 -4.52 -12.43
CA ASP B 372 6.07 -3.21 -12.39
C ASP B 372 6.93 -3.03 -11.14
N VAL B 373 7.66 -4.07 -10.73
CA VAL B 373 8.39 -4.02 -9.47
C VAL B 373 9.46 -2.94 -9.49
N GLU B 374 9.99 -2.61 -10.67
CA GLU B 374 11.04 -1.61 -10.77
C GLU B 374 10.51 -0.19 -10.73
N GLU B 375 9.21 0.00 -10.88
CA GLU B 375 8.64 1.34 -10.82
C GLU B 375 8.50 1.79 -9.37
N PHE B 376 8.72 3.08 -9.14
CA PHE B 376 8.57 3.66 -7.82
C PHE B 376 7.12 4.10 -7.66
N ARG B 377 6.37 3.32 -6.90
CA ARG B 377 4.92 3.51 -6.74
C ARG B 377 4.60 3.41 -5.25
N PRO B 378 4.60 4.54 -4.55
CA PRO B 378 4.31 4.49 -3.11
C PRO B 378 2.95 3.94 -2.79
N GLU B 379 1.99 4.13 -3.71
CA GLU B 379 0.63 3.63 -3.54
C GLU B 379 0.57 2.15 -3.24
N ARG B 380 1.65 1.39 -3.51
CA ARG B 380 1.71 0.00 -3.05
C ARG B 380 1.48 -0.10 -1.55
N PHE B 381 1.73 0.97 -0.81
CA PHE B 381 1.68 0.97 0.64
C PHE B 381 0.54 1.81 1.20
N GLU B 382 -0.43 2.19 0.37
CA GLU B 382 -1.65 2.84 0.87
C GLU B 382 -2.23 2.07 2.03
N ASN B 383 -2.44 0.76 1.83
CA ASN B 383 -2.94 -0.14 2.85
C ASN B 383 -1.84 -1.14 3.19
N PRO B 384 -1.08 -0.92 4.26
CA PRO B 384 -0.02 -1.88 4.60
C PRO B 384 -0.52 -3.29 4.81
N SER B 385 -1.76 -3.45 5.27
CA SER B 385 -2.32 -4.77 5.47
C SER B 385 -2.38 -5.58 4.17
N ALA B 386 -2.42 -4.90 3.03
CA ALA B 386 -2.56 -5.61 1.75
C ALA B 386 -1.29 -6.35 1.35
N ILE B 387 -0.13 -5.90 1.82
CA ILE B 387 1.12 -6.59 1.48
C ILE B 387 1.13 -7.99 2.08
N PRO B 388 1.33 -9.04 1.29
CA PRO B 388 1.35 -10.40 1.85
C PRO B 388 2.40 -10.56 2.93
N GLN B 389 2.25 -11.63 3.71
CA GLN B 389 3.15 -11.86 4.83
C GLN B 389 4.59 -12.03 4.35
N HIS B 390 5.51 -11.36 5.04
CA HIS B 390 6.95 -11.48 4.80
C HIS B 390 7.35 -11.12 3.38
N ALA B 391 6.51 -10.35 2.68
CA ALA B 391 6.86 -9.87 1.35
C ALA B 391 7.72 -8.63 1.42
N PHE B 392 7.64 -7.87 2.52
CA PHE B 392 8.29 -6.57 2.66
C PHE B 392 9.07 -6.64 3.97
N LYS B 393 10.39 -6.81 3.88
CA LYS B 393 11.19 -7.02 5.08
C LYS B 393 12.37 -6.05 5.17
N PRO B 394 12.17 -4.75 4.92
CA PRO B 394 13.32 -3.83 4.98
C PRO B 394 13.94 -3.73 6.35
N PHE B 395 13.22 -4.13 7.40
CA PHE B 395 13.69 -4.06 8.77
C PHE B 395 13.93 -5.43 9.38
N GLY B 396 14.13 -6.44 8.54
CA GLY B 396 14.41 -7.77 9.05
C GLY B 396 13.13 -8.46 9.48
N ASN B 397 13.29 -9.43 10.37
CA ASN B 397 12.20 -10.34 10.70
C ASN B 397 12.12 -10.60 12.18
N GLY B 398 10.88 -10.72 12.67
CA GLY B 398 10.55 -11.26 13.96
C GLY B 398 11.22 -10.51 15.10
N GLN B 399 11.54 -11.26 16.16
CA GLN B 399 12.17 -10.64 17.32
C GLN B 399 13.54 -10.06 16.97
N ARG B 400 14.17 -10.53 15.90
CA ARG B 400 15.42 -9.94 15.43
C ARG B 400 15.19 -8.87 14.38
N ALA B 401 13.96 -8.38 14.23
CA ALA B 401 13.72 -7.28 13.31
C ALA B 401 14.36 -6.01 13.87
N CYS B 402 14.44 -5.00 13.00
CA CYS B 402 15.05 -3.74 13.41
C CYS B 402 14.37 -3.11 14.60
N ILE B 403 15.07 -3.01 15.73
CA ILE B 403 14.50 -2.34 16.89
C ILE B 403 14.30 -0.86 16.59
N GLY B 404 15.11 -0.28 15.69
CA GLY B 404 15.05 1.12 15.38
C GLY B 404 14.15 1.48 14.22
N GLN B 405 13.29 0.55 13.78
CA GLN B 405 12.40 0.80 12.66
C GLN B 405 11.54 2.05 12.88
N GLN B 406 10.86 2.13 14.02
CA GLN B 406 10.00 3.29 14.27
C GLN B 406 10.83 4.57 14.39
N PHE B 407 12.02 4.47 14.99
CA PHE B 407 12.94 5.60 15.01
C PHE B 407 13.31 6.03 13.60
N ALA B 408 13.83 5.09 12.81
CA ALA B 408 14.23 5.39 11.44
C ALA B 408 13.06 5.99 10.66
N LEU B 409 11.89 5.38 10.76
CA LEU B 409 10.75 5.83 9.97
C LEU B 409 10.25 7.17 10.45
N HIS B 410 10.20 7.39 11.76
CA HIS B 410 9.78 8.70 12.26
C HIS B 410 10.75 9.78 11.82
N GLU B 411 12.05 9.55 12.01
CA GLU B 411 13.05 10.51 11.58
C GLU B 411 12.95 10.78 10.08
N ALA B 412 12.94 9.71 9.28
CA ALA B 412 12.92 9.89 7.83
C ALA B 412 11.65 10.58 7.37
N THR B 413 10.51 10.25 7.99
CA THR B 413 9.27 10.91 7.64
C THR B 413 9.33 12.38 8.03
N LEU B 414 9.79 12.67 9.26
CA LEU B 414 9.93 14.06 9.70
C LEU B 414 10.84 14.83 8.76
N VAL B 415 12.01 14.30 8.48
CA VAL B 415 13.00 15.03 7.69
C VAL B 415 12.53 15.18 6.24
N LEU B 416 12.09 14.08 5.63
CA LEU B 416 11.58 14.17 4.26
C LEU B 416 10.38 15.10 4.19
N GLY B 417 9.49 15.03 5.18
CA GLY B 417 8.38 15.95 5.23
C GLY B 417 8.83 17.39 5.22
N MET B 418 9.81 17.72 6.07
CA MET B 418 10.31 19.09 6.12
C MET B 418 11.03 19.48 4.84
N MET B 419 11.81 18.56 4.28
CA MET B 419 12.50 18.84 3.02
C MET B 419 11.49 19.19 1.93
N LEU B 420 10.42 18.41 1.83
CA LEU B 420 9.41 18.65 0.80
C LEU B 420 8.59 19.90 1.09
N LYS B 421 8.40 20.22 2.37
CA LYS B 421 7.66 21.43 2.72
C LYS B 421 8.44 22.68 2.33
N HIS B 422 9.77 22.65 2.48
CA HIS B 422 10.57 23.85 2.44
C HIS B 422 11.29 24.05 1.12
N PHE B 423 11.38 23.04 0.28
CA PHE B 423 12.17 23.14 -0.94
C PHE B 423 11.46 22.45 -2.10
N ASP B 424 11.52 23.09 -3.26
CA ASP B 424 11.38 22.39 -4.52
C ASP B 424 12.74 21.82 -4.90
N PHE B 425 12.75 20.58 -5.37
CA PHE B 425 13.99 19.90 -5.65
C PHE B 425 14.17 19.70 -7.15
N GLU B 426 15.40 19.85 -7.61
CA GLU B 426 15.74 19.69 -9.01
C GLU B 426 16.82 18.65 -9.17
N ASP B 427 16.55 17.65 -10.01
CA ASP B 427 17.55 16.67 -10.43
C ASP B 427 18.37 17.32 -11.55
N HIS B 428 19.16 18.33 -11.15
CA HIS B 428 19.79 19.22 -12.11
C HIS B 428 20.86 18.53 -12.94
N THR B 429 21.44 17.42 -12.47
CA THR B 429 22.43 16.69 -13.24
C THR B 429 21.83 15.53 -14.02
N ASN B 430 20.51 15.33 -13.95
CA ASN B 430 19.88 14.11 -14.42
C ASN B 430 20.67 12.91 -13.88
N TYR B 431 20.77 12.87 -12.55
CA TYR B 431 21.66 11.94 -11.87
C TYR B 431 21.37 10.50 -12.26
N GLU B 432 22.42 9.79 -12.68
CA GLU B 432 22.32 8.38 -12.98
C GLU B 432 22.53 7.60 -11.69
N LEU B 433 21.53 6.81 -11.30
CA LEU B 433 21.60 6.06 -10.05
C LEU B 433 22.87 5.23 -10.02
N ASP B 434 23.75 5.55 -9.06
CA ASP B 434 24.97 4.79 -8.82
C ASP B 434 24.94 4.42 -7.35
N ILE B 435 24.66 3.15 -7.07
CA ILE B 435 24.47 2.71 -5.70
C ILE B 435 25.81 2.22 -5.17
N LYS B 436 26.43 3.03 -4.32
CA LYS B 436 27.64 2.61 -3.64
C LYS B 436 27.27 1.62 -2.55
N GLU B 437 28.09 0.59 -2.42
CA GLU B 437 27.80 -0.49 -1.47
C GLU B 437 28.89 -0.53 -0.40
N THR B 438 28.47 -0.40 0.83
CA THR B 438 29.27 -0.79 2.00
C THR B 438 28.62 -2.03 2.61
N LEU B 439 28.28 -2.03 3.88
CA LEU B 439 27.28 -3.00 4.31
C LEU B 439 25.87 -2.50 4.07
N THR B 440 25.74 -1.25 3.66
CA THR B 440 24.47 -0.63 3.30
C THR B 440 24.57 -0.05 1.89
N LEU B 441 23.44 0.48 1.42
CA LEU B 441 23.33 1.02 0.08
C LEU B 441 23.04 2.51 0.15
N LYS B 442 23.61 3.26 -0.78
CA LYS B 442 23.38 4.69 -0.88
C LYS B 442 23.57 5.09 -2.34
N PRO B 443 22.82 6.06 -2.83
CA PRO B 443 23.04 6.55 -4.19
C PRO B 443 24.24 7.49 -4.25
N GLU B 444 25.41 6.95 -4.56
CA GLU B 444 26.63 7.74 -4.57
C GLU B 444 26.55 8.86 -5.59
N GLY B 445 27.09 10.03 -5.24
CA GLY B 445 27.08 11.16 -6.12
C GLY B 445 25.71 11.74 -6.40
N PHE B 446 24.69 11.34 -5.64
CA PHE B 446 23.36 11.88 -5.85
C PHE B 446 23.33 13.32 -5.36
N VAL B 447 23.11 14.24 -6.28
CA VAL B 447 23.08 15.66 -5.96
C VAL B 447 21.79 16.25 -6.52
N VAL B 448 21.25 17.23 -5.80
CA VAL B 448 20.10 17.98 -6.25
C VAL B 448 20.37 19.46 -6.00
N LYS B 449 19.59 20.29 -6.66
CA LYS B 449 19.47 21.69 -6.26
C LYS B 449 18.12 21.85 -5.58
N ALA B 450 18.10 22.65 -4.52
CA ALA B 450 16.87 22.93 -3.81
C ALA B 450 16.54 24.41 -3.98
N LYS B 451 15.36 24.68 -4.54
CA LYS B 451 14.80 26.02 -4.55
C LYS B 451 13.95 26.17 -3.29
N SER B 452 14.40 27.02 -2.37
CA SER B 452 13.64 27.23 -1.15
C SER B 452 12.25 27.77 -1.48
N LYS B 453 11.24 27.21 -0.79
CA LYS B 453 9.91 27.80 -0.85
C LYS B 453 9.76 28.99 0.10
N LYS B 454 10.83 29.36 0.80
CA LYS B 454 10.85 30.53 1.68
C LYS B 454 9.78 30.46 2.76
N ILE B 455 9.59 29.28 3.33
CA ILE B 455 8.69 29.08 4.46
C ILE B 455 9.54 29.10 5.73
N PRO B 456 9.34 30.06 6.62
CA PRO B 456 10.23 30.17 7.79
C PRO B 456 10.05 29.00 8.76
N LEU B 457 11.03 28.86 9.64
CA LEU B 457 11.02 27.81 10.65
C LEU B 457 10.73 28.37 12.04
N PHE C 2 -25.50 7.42 -1.83
CA PHE C 2 -25.62 8.87 -1.84
C PHE C 2 -26.00 9.53 -0.52
N PHE C 3 -26.60 8.78 0.56
CA PHE C 3 -26.94 9.46 1.79
C PHE C 3 -27.06 8.41 2.88
N PHE D 2 25.33 -8.19 2.98
CA PHE D 2 25.10 -9.06 1.83
C PHE D 2 25.68 -10.46 2.00
N PHE D 3 26.71 -10.73 2.99
CA PHE D 3 27.26 -12.07 3.11
C PHE D 3 27.90 -12.19 4.49
#